data_6TXT
#
_entry.id   6TXT
#
_entity_poly.entity_id   1
_entity_poly.type   'polypeptide(L)'
_entity_poly.pdbx_seq_one_letter_code
;NLTKQKDAVSDTGTAAVVKVVESQAELYELKNTNEKASLSKLVSSGNISQKQADSYKAYYGKHSGETQTVAN
;
_entity_poly.pdbx_strand_id   A
#
# COMPACT_ATOMS: atom_id res chain seq x y z
N ASN A 1 -7.67 21.56 -8.61
CA ASN A 1 -7.29 21.80 -10.03
C ASN A 1 -7.33 23.31 -10.31
N LEU A 2 -8.41 23.95 -9.90
CA LEU A 2 -8.56 25.39 -10.11
C LEU A 2 -8.46 25.73 -11.59
N THR A 3 -8.90 24.80 -12.43
CA THR A 3 -8.86 25.00 -13.87
C THR A 3 -10.02 24.28 -14.56
N LYS A 4 -10.44 24.80 -15.71
CA LYS A 4 -11.55 24.19 -16.44
C LYS A 4 -11.16 23.94 -17.90
N GLN A 5 -11.70 22.87 -18.48
CA GLN A 5 -11.41 22.53 -19.86
C GLN A 5 -9.91 22.38 -20.08
N LYS A 6 -9.43 21.13 -20.09
CA LYS A 6 -8.01 20.89 -20.30
C LYS A 6 -7.81 19.52 -20.97
N ASP A 7 -6.67 19.34 -21.62
CA ASP A 7 -6.38 18.09 -22.29
C ASP A 7 -5.06 17.51 -21.78
N ALA A 8 -5.14 16.45 -20.98
CA ALA A 8 -3.95 15.81 -20.44
C ALA A 8 -4.18 14.32 -20.24
N VAL A 9 -3.11 13.54 -20.37
CA VAL A 9 -3.21 12.09 -20.19
C VAL A 9 -2.25 11.62 -19.11
N SER A 10 -2.77 10.87 -18.15
CA SER A 10 -1.93 10.36 -17.06
C SER A 10 -2.54 9.09 -16.47
N ASP A 11 -1.72 8.33 -15.76
CA ASP A 11 -2.19 7.09 -15.14
C ASP A 11 -2.83 7.37 -13.78
N THR A 12 -3.26 6.31 -13.11
CA THR A 12 -3.90 6.45 -11.80
C THR A 12 -3.60 5.24 -10.92
N GLY A 13 -3.58 5.45 -9.61
CA GLY A 13 -3.31 4.36 -8.68
C GLY A 13 -4.51 4.08 -7.80
N THR A 14 -4.24 4.01 -6.49
CA THR A 14 -5.27 3.72 -5.51
C THR A 14 -5.61 2.25 -5.59
N ALA A 15 -6.16 1.84 -6.73
CA ALA A 15 -6.47 0.44 -6.92
C ALA A 15 -5.19 -0.36 -6.96
N ALA A 16 -4.21 0.20 -7.65
CA ALA A 16 -2.91 -0.43 -7.76
C ALA A 16 -2.27 -0.53 -6.40
N VAL A 17 -2.49 0.49 -5.60
CA VAL A 17 -1.93 0.52 -4.26
C VAL A 17 -2.45 -0.65 -3.46
N VAL A 18 -3.73 -0.90 -3.61
CA VAL A 18 -4.34 -1.99 -2.88
C VAL A 18 -3.78 -3.32 -3.36
N LYS A 19 -3.66 -3.46 -4.67
CA LYS A 19 -3.14 -4.68 -5.29
C LYS A 19 -1.67 -4.96 -4.95
N VAL A 20 -0.82 -3.94 -4.97
CA VAL A 20 0.61 -4.13 -4.72
C VAL A 20 0.95 -4.40 -3.25
N VAL A 21 0.48 -3.54 -2.37
CA VAL A 21 0.80 -3.71 -0.96
C VAL A 21 0.23 -5.01 -0.41
N GLU A 22 -1.01 -5.31 -0.74
CA GLU A 22 -1.66 -6.52 -0.26
C GLU A 22 -0.98 -7.81 -0.74
N SER A 23 -0.50 -7.84 -1.99
CA SER A 23 0.16 -9.03 -2.48
C SER A 23 1.46 -9.28 -1.72
N GLN A 24 2.28 -8.23 -1.61
CA GLN A 24 3.55 -8.31 -0.91
C GLN A 24 3.32 -8.52 0.59
N ALA A 25 2.30 -7.83 1.09
CA ALA A 25 1.97 -7.89 2.51
C ALA A 25 1.67 -9.32 2.92
N GLU A 26 0.93 -10.00 2.07
CA GLU A 26 0.58 -11.39 2.32
C GLU A 26 1.81 -12.26 2.32
N LEU A 27 2.70 -11.99 1.37
CA LEU A 27 3.94 -12.74 1.24
C LEU A 27 4.89 -12.49 2.41
N TYR A 28 4.94 -11.24 2.88
CA TYR A 28 5.81 -10.92 4.00
C TYR A 28 5.24 -11.61 5.21
N GLU A 29 3.92 -11.65 5.27
CA GLU A 29 3.25 -12.34 6.34
C GLU A 29 3.58 -13.82 6.25
N LEU A 30 3.70 -14.34 5.03
CA LEU A 30 4.07 -15.73 4.92
C LEU A 30 5.45 -15.86 5.52
N LYS A 31 6.35 -14.96 5.10
CA LYS A 31 7.71 -14.94 5.63
C LYS A 31 7.65 -14.96 7.15
N ASN A 32 6.84 -14.05 7.69
CA ASN A 32 6.67 -13.94 9.14
C ASN A 32 5.18 -13.94 9.50
N THR A 33 4.62 -15.12 9.66
CA THR A 33 3.20 -15.25 9.98
C THR A 33 2.86 -14.69 11.36
N ASN A 34 3.74 -14.94 12.33
CA ASN A 34 3.50 -14.49 13.70
C ASN A 34 3.31 -12.98 13.78
N GLU A 35 4.09 -12.24 13.00
CA GLU A 35 3.98 -10.78 13.01
C GLU A 35 3.36 -10.30 11.72
N LYS A 36 2.49 -9.30 11.79
CA LYS A 36 1.89 -8.78 10.59
C LYS A 36 2.75 -7.67 10.03
N ALA A 37 3.19 -7.85 8.80
CA ALA A 37 4.03 -6.86 8.13
C ALA A 37 3.39 -5.49 8.20
N SER A 38 4.00 -4.54 7.52
CA SER A 38 3.45 -3.20 7.50
C SER A 38 4.01 -2.44 6.31
N LEU A 39 3.43 -1.30 6.03
CA LEU A 39 3.92 -0.51 4.92
C LEU A 39 5.37 -0.15 5.19
N SER A 40 5.67 0.17 6.43
CA SER A 40 7.03 0.49 6.81
C SER A 40 7.95 -0.71 6.59
N LYS A 41 7.46 -1.91 6.93
CA LYS A 41 8.27 -3.11 6.79
C LYS A 41 8.47 -3.55 5.34
N LEU A 42 7.37 -3.60 4.60
CA LEU A 42 7.40 -4.08 3.25
C LEU A 42 8.26 -3.19 2.44
N VAL A 43 8.20 -1.93 2.78
CA VAL A 43 8.91 -0.97 2.02
C VAL A 43 10.36 -0.97 2.38
N SER A 44 10.69 -1.22 3.65
CA SER A 44 12.08 -1.29 3.95
C SER A 44 12.57 -2.47 3.13
N SER A 45 11.81 -3.56 3.31
CA SER A 45 11.91 -4.83 2.54
C SER A 45 11.90 -4.64 1.01
N GLY A 46 11.99 -3.39 0.53
CA GLY A 46 11.84 -3.00 -0.87
C GLY A 46 10.89 -3.88 -1.71
N ASN A 47 9.93 -4.56 -1.06
CA ASN A 47 8.93 -5.32 -1.79
C ASN A 47 8.14 -4.33 -2.60
N ILE A 48 7.89 -3.23 -1.92
CA ILE A 48 7.17 -2.10 -2.46
C ILE A 48 7.94 -0.83 -2.16
N SER A 49 7.63 0.20 -2.91
CA SER A 49 8.29 1.47 -2.74
C SER A 49 7.37 2.49 -2.11
N GLN A 50 7.96 3.51 -1.48
CA GLN A 50 7.24 4.59 -0.77
C GLN A 50 6.05 5.20 -1.57
N LYS A 51 5.89 4.82 -2.81
CA LYS A 51 4.75 5.27 -3.59
C LYS A 51 3.61 4.35 -3.25
N GLN A 52 3.95 3.07 -3.27
CA GLN A 52 3.10 1.99 -2.86
C GLN A 52 2.92 2.01 -1.35
N ALA A 53 4.00 2.39 -0.65
CA ALA A 53 3.98 2.39 0.79
C ALA A 53 3.12 3.52 1.37
N ASP A 54 3.37 4.75 0.92
CA ASP A 54 2.61 5.90 1.43
C ASP A 54 1.23 6.04 0.85
N SER A 55 0.99 5.39 -0.25
CA SER A 55 -0.31 5.47 -0.85
C SER A 55 -1.28 4.53 -0.14
N TYR A 56 -0.79 3.34 0.24
CA TYR A 56 -1.66 2.41 0.96
C TYR A 56 -1.88 2.97 2.34
N LYS A 57 -0.82 3.59 2.81
CA LYS A 57 -0.81 4.16 4.13
C LYS A 57 -1.91 5.16 4.28
N ALA A 58 -2.17 5.98 3.30
CA ALA A 58 -3.23 6.91 3.45
C ALA A 58 -4.57 6.24 3.17
N TYR A 59 -4.55 4.96 2.74
CA TYR A 59 -5.79 4.25 2.56
C TYR A 59 -6.39 3.90 3.93
N TYR A 60 -5.52 3.47 4.88
CA TYR A 60 -6.00 3.13 6.21
C TYR A 60 -6.39 4.42 6.93
N GLY A 61 -5.61 5.45 6.62
CA GLY A 61 -5.80 6.77 7.18
C GLY A 61 -7.21 7.29 6.94
N LYS A 62 -7.77 6.97 5.77
CA LYS A 62 -9.10 7.44 5.40
C LYS A 62 -10.16 7.03 6.43
N HIS A 63 -10.15 5.79 6.89
CA HIS A 63 -11.15 5.36 7.86
C HIS A 63 -10.60 5.41 9.29
N SER A 64 -9.74 4.45 9.62
CA SER A 64 -9.14 4.37 10.96
C SER A 64 -8.44 3.03 11.12
N GLY A 65 -7.78 2.56 10.07
CA GLY A 65 -7.10 1.28 10.12
C GLY A 65 -8.11 0.14 10.08
N GLU A 66 -9.29 0.44 9.55
CA GLU A 66 -10.36 -0.55 9.48
C GLU A 66 -10.22 -1.44 8.25
N THR A 67 -9.36 -1.05 7.30
CA THR A 67 -9.20 -1.84 6.08
C THR A 67 -7.80 -2.46 5.99
N GLN A 68 -6.77 -1.71 6.41
CA GLN A 68 -5.39 -2.15 6.26
C GLN A 68 -5.21 -3.63 6.48
N THR A 69 -5.19 -4.32 5.35
CA THR A 69 -5.02 -5.75 5.29
C THR A 69 -3.74 -6.14 6.03
N VAL A 70 -2.84 -5.17 6.17
CA VAL A 70 -1.60 -5.41 6.87
C VAL A 70 -1.41 -4.33 7.91
N ALA A 71 -0.76 -4.63 9.04
CA ALA A 71 -0.62 -3.65 10.12
C ALA A 71 -0.06 -2.31 9.63
N ASN A 72 -0.96 -1.41 9.19
CA ASN A 72 -0.58 -0.08 8.70
C ASN A 72 0.78 -0.09 8.01
N ASN A 1 -8.73 28.50 -19.58
CA ASN A 1 -9.48 28.32 -18.30
C ASN A 1 -9.28 26.89 -17.80
N LEU A 2 -9.03 25.97 -18.73
CA LEU A 2 -8.83 24.57 -18.37
C LEU A 2 -7.61 24.42 -17.45
N THR A 3 -6.53 25.09 -17.80
CA THR A 3 -5.31 25.05 -17.00
C THR A 3 -4.93 23.59 -16.69
N LYS A 4 -5.09 22.72 -17.67
CA LYS A 4 -4.76 21.31 -17.48
C LYS A 4 -3.28 21.13 -17.16
N GLN A 5 -2.47 22.12 -17.54
CA GLN A 5 -1.04 22.06 -17.26
C GLN A 5 -0.74 22.23 -15.79
N LYS A 6 0.55 22.19 -15.47
CA LYS A 6 1.00 22.34 -14.11
C LYS A 6 0.41 21.26 -13.21
N ASP A 7 0.36 20.04 -13.74
CA ASP A 7 -0.18 18.92 -12.98
C ASP A 7 -1.57 19.23 -12.43
N ALA A 8 -2.43 19.75 -13.29
CA ALA A 8 -3.79 20.09 -12.89
C ALA A 8 -4.54 18.85 -12.42
N VAL A 9 -4.34 17.73 -13.12
CA VAL A 9 -5.00 16.48 -12.76
C VAL A 9 -4.03 15.31 -12.88
N SER A 10 -4.12 14.38 -11.93
CA SER A 10 -3.25 13.22 -11.93
C SER A 10 -4.07 11.93 -11.81
N ASP A 11 -3.55 10.85 -12.39
CA ASP A 11 -4.23 9.57 -12.34
C ASP A 11 -3.89 8.86 -11.03
N THR A 12 -4.87 8.76 -10.14
CA THR A 12 -4.65 8.12 -8.86
C THR A 12 -4.60 6.60 -8.99
N GLY A 13 -4.05 5.95 -7.98
CA GLY A 13 -3.93 4.49 -7.97
C GLY A 13 -4.56 3.90 -6.74
N THR A 14 -5.82 4.22 -6.51
CA THR A 14 -6.48 3.64 -5.36
C THR A 14 -6.58 2.15 -5.59
N ALA A 15 -6.81 1.77 -6.84
CA ALA A 15 -6.86 0.36 -7.18
C ALA A 15 -5.49 -0.26 -7.05
N ALA A 16 -4.49 0.47 -7.52
CA ALA A 16 -3.12 0.02 -7.46
C ALA A 16 -2.70 -0.16 -6.03
N VAL A 17 -3.19 0.73 -5.20
CA VAL A 17 -2.84 0.67 -3.78
C VAL A 17 -3.21 -0.68 -3.22
N VAL A 18 -4.40 -1.11 -3.56
CA VAL A 18 -4.92 -2.36 -3.05
C VAL A 18 -4.10 -3.55 -3.53
N LYS A 19 -3.83 -3.60 -4.82
CA LYS A 19 -3.11 -4.72 -5.43
C LYS A 19 -1.65 -4.92 -4.99
N VAL A 20 -0.85 -3.86 -4.89
CA VAL A 20 0.56 -4.09 -4.56
C VAL A 20 0.80 -4.37 -3.08
N VAL A 21 0.34 -3.51 -2.18
CA VAL A 21 0.61 -3.77 -0.77
C VAL A 21 0.00 -5.08 -0.32
N GLU A 22 -1.23 -5.36 -0.72
CA GLU A 22 -1.86 -6.60 -0.31
C GLU A 22 -1.15 -7.83 -0.89
N SER A 23 -0.47 -7.68 -2.03
CA SER A 23 0.24 -8.83 -2.61
C SER A 23 1.54 -9.12 -1.84
N GLN A 24 2.37 -8.10 -1.68
CA GLN A 24 3.62 -8.27 -0.94
C GLN A 24 3.37 -8.48 0.56
N ALA A 25 2.40 -7.76 1.10
CA ALA A 25 2.10 -7.84 2.54
C ALA A 25 1.74 -9.26 2.91
N GLU A 26 0.95 -9.88 2.05
CA GLU A 26 0.57 -11.25 2.30
C GLU A 26 1.82 -12.10 2.35
N LEU A 27 2.68 -11.89 1.36
CA LEU A 27 3.93 -12.66 1.28
C LEU A 27 4.87 -12.38 2.45
N TYR A 28 4.94 -11.13 2.88
CA TYR A 28 5.80 -10.78 3.99
C TYR A 28 5.25 -11.49 5.20
N GLU A 29 3.93 -11.50 5.28
CA GLU A 29 3.26 -12.19 6.35
C GLU A 29 3.56 -13.66 6.24
N LEU A 30 3.66 -14.20 5.03
CA LEU A 30 4.01 -15.59 4.94
C LEU A 30 5.39 -15.75 5.55
N LYS A 31 6.30 -14.86 5.15
CA LYS A 31 7.65 -14.87 5.70
C LYS A 31 7.57 -14.88 7.21
N ASN A 32 6.76 -13.95 7.74
CA ASN A 32 6.57 -13.84 9.19
C ASN A 32 5.08 -13.82 9.52
N THR A 33 4.50 -15.00 9.68
CA THR A 33 3.06 -15.11 9.96
C THR A 33 2.68 -14.54 11.32
N ASN A 34 3.50 -14.79 12.33
CA ASN A 34 3.19 -14.32 13.68
C ASN A 34 3.03 -12.81 13.72
N GLU A 35 3.87 -12.10 12.99
CA GLU A 35 3.79 -10.64 12.97
C GLU A 35 3.22 -10.17 11.65
N LYS A 36 2.32 -9.20 11.68
CA LYS A 36 1.77 -8.74 10.44
C LYS A 36 2.63 -7.64 9.88
N ALA A 37 2.98 -7.81 8.63
CA ALA A 37 3.82 -6.86 7.91
C ALA A 37 3.32 -5.45 8.11
N SER A 38 4.00 -4.52 7.49
CA SER A 38 3.60 -3.14 7.57
C SER A 38 4.07 -2.42 6.33
N LEU A 39 3.62 -1.21 6.15
CA LEU A 39 4.04 -0.46 4.98
C LEU A 39 5.55 -0.30 5.03
N SER A 40 6.05 -0.01 6.22
CA SER A 40 7.48 0.15 6.42
C SER A 40 8.25 -1.15 6.15
N LYS A 41 7.71 -2.28 6.59
CA LYS A 41 8.41 -3.56 6.39
C LYS A 41 8.58 -3.93 4.93
N LEU A 42 7.52 -3.81 4.15
CA LEU A 42 7.57 -4.17 2.76
C LEU A 42 8.56 -3.29 2.08
N VAL A 43 8.59 -2.05 2.53
CA VAL A 43 9.43 -1.10 1.91
C VAL A 43 10.85 -1.21 2.38
N SER A 44 11.06 -1.68 3.62
CA SER A 44 12.39 -1.83 4.05
C SER A 44 13.00 -2.85 3.11
N SER A 45 12.24 -3.96 2.98
CA SER A 45 12.49 -5.02 1.98
C SER A 45 12.59 -4.47 0.53
N GLY A 46 12.48 -3.14 0.38
CA GLY A 46 12.40 -2.42 -0.89
C GLY A 46 11.81 -3.23 -2.04
N ASN A 47 10.85 -4.11 -1.71
CA ASN A 47 10.15 -4.85 -2.75
C ASN A 47 9.38 -3.84 -3.57
N ILE A 48 8.81 -2.92 -2.82
CA ILE A 48 8.01 -1.84 -3.36
C ILE A 48 8.59 -0.50 -2.94
N SER A 49 8.15 0.59 -3.56
CA SER A 49 8.67 1.89 -3.23
C SER A 49 7.97 2.43 -1.99
N GLN A 50 8.53 3.47 -1.41
CA GLN A 50 7.93 4.04 -0.23
C GLN A 50 6.53 4.45 -0.52
N LYS A 51 6.26 5.17 -1.61
CA LYS A 51 4.91 5.60 -1.87
C LYS A 51 4.00 4.44 -2.01
N GLN A 52 4.52 3.29 -2.36
CA GLN A 52 3.69 2.12 -2.40
C GLN A 52 3.34 1.85 -0.95
N ALA A 53 4.34 2.08 -0.08
CA ALA A 53 4.07 1.92 1.34
C ALA A 53 3.01 2.96 1.73
N ASP A 54 3.21 4.22 1.35
CA ASP A 54 2.20 5.23 1.66
C ASP A 54 0.93 5.05 0.85
N SER A 55 0.97 4.19 -0.16
CA SER A 55 -0.19 3.97 -0.98
C SER A 55 -1.28 3.35 -0.15
N TYR A 56 -0.89 2.42 0.71
CA TYR A 56 -1.90 1.80 1.55
C TYR A 56 -2.22 2.71 2.71
N LYS A 57 -1.23 3.48 3.13
CA LYS A 57 -1.47 4.50 4.17
C LYS A 57 -2.53 5.47 3.62
N ALA A 58 -2.50 5.52 2.30
CA ALA A 58 -3.44 6.31 1.52
C ALA A 58 -4.85 5.68 1.62
N TYR A 59 -4.92 4.34 1.61
CA TYR A 59 -6.21 3.65 1.77
C TYR A 59 -6.65 3.80 3.22
N TYR A 60 -5.66 3.69 4.11
CA TYR A 60 -5.86 3.86 5.54
C TYR A 60 -6.41 5.24 5.76
N GLY A 61 -5.87 6.15 4.98
CA GLY A 61 -6.25 7.53 5.06
C GLY A 61 -7.77 7.67 4.94
N LYS A 62 -8.35 6.93 4.00
CA LYS A 62 -9.80 6.97 3.77
C LYS A 62 -10.64 6.60 5.01
N HIS A 63 -10.28 5.52 5.72
CA HIS A 63 -11.06 5.09 6.91
C HIS A 63 -10.18 4.86 8.14
N SER A 64 -10.82 4.56 9.27
CA SER A 64 -10.11 4.31 10.52
C SER A 64 -9.14 3.13 10.37
N GLY A 65 -8.78 2.49 11.49
CA GLY A 65 -7.84 1.37 11.47
C GLY A 65 -8.50 0.06 11.02
N GLU A 66 -9.74 0.15 10.56
CA GLU A 66 -10.47 -1.02 10.10
C GLU A 66 -10.11 -1.39 8.66
N THR A 67 -9.32 -0.55 8.00
CA THR A 67 -8.94 -0.82 6.61
C THR A 67 -7.62 -1.57 6.47
N GLN A 68 -6.50 -0.90 6.78
CA GLN A 68 -5.19 -1.46 6.56
C GLN A 68 -5.11 -2.96 6.83
N THR A 69 -5.15 -3.66 5.70
CA THR A 69 -5.09 -5.11 5.67
C THR A 69 -3.75 -5.57 6.23
N VAL A 70 -2.81 -4.63 6.34
CA VAL A 70 -1.52 -4.92 6.90
C VAL A 70 -1.25 -3.83 7.93
N ALA A 71 -0.68 -4.16 9.08
CA ALA A 71 -0.54 -3.16 10.13
C ALA A 71 0.35 -2.00 9.72
N ASN A 72 -0.25 -0.87 9.34
CA ASN A 72 0.55 0.29 8.97
C ASN A 72 1.12 0.96 10.23
N ASN A 1 -9.12 1.35 -12.14
CA ASN A 1 -7.76 0.88 -12.53
C ASN A 1 -7.74 -0.65 -12.62
N LEU A 2 -6.57 -1.21 -12.86
CA LEU A 2 -6.44 -2.66 -12.97
C LEU A 2 -5.73 -3.22 -11.75
N THR A 3 -6.39 -4.13 -11.05
CA THR A 3 -5.80 -4.75 -9.86
C THR A 3 -5.00 -6.00 -10.22
N LYS A 4 -5.14 -6.47 -11.46
CA LYS A 4 -4.42 -7.65 -11.91
C LYS A 4 -2.91 -7.42 -11.84
N GLN A 5 -2.49 -6.23 -12.27
CA GLN A 5 -1.07 -5.89 -12.27
C GLN A 5 -0.84 -4.44 -11.94
N LYS A 6 0.43 -4.10 -11.79
CA LYS A 6 0.78 -2.74 -11.46
C LYS A 6 0.33 -1.78 -12.54
N ASP A 7 0.48 -2.19 -13.80
CA ASP A 7 0.08 -1.37 -14.95
C ASP A 7 1.01 -0.17 -15.12
N ALA A 8 0.95 0.76 -14.16
CA ALA A 8 1.78 1.96 -14.22
C ALA A 8 2.21 2.40 -12.83
N VAL A 9 3.27 3.19 -12.75
CA VAL A 9 3.77 3.67 -11.47
C VAL A 9 2.64 4.30 -10.66
N SER A 10 2.89 4.50 -9.37
CA SER A 10 1.89 5.07 -8.48
C SER A 10 1.51 6.48 -8.92
N ASP A 11 0.21 6.76 -8.88
CA ASP A 11 -0.34 8.06 -9.26
C ASP A 11 -1.86 7.94 -9.39
N THR A 12 -2.31 7.45 -10.54
CA THR A 12 -3.75 7.27 -10.77
C THR A 12 -4.20 5.92 -10.24
N GLY A 13 -3.25 4.98 -10.16
CA GLY A 13 -3.55 3.63 -9.67
C GLY A 13 -3.67 3.59 -8.17
N THR A 14 -4.57 4.38 -7.62
CA THR A 14 -4.77 4.34 -6.20
C THR A 14 -5.36 2.98 -5.89
N ALA A 15 -6.26 2.54 -6.76
CA ALA A 15 -6.87 1.23 -6.62
C ALA A 15 -5.83 0.15 -6.85
N ALA A 16 -5.00 0.39 -7.85
CA ALA A 16 -3.96 -0.53 -8.22
C ALA A 16 -2.99 -0.70 -7.06
N VAL A 17 -2.72 0.40 -6.38
CA VAL A 17 -1.77 0.34 -5.26
C VAL A 17 -2.34 -0.49 -4.11
N VAL A 18 -3.65 -0.56 -4.03
CA VAL A 18 -4.27 -1.32 -2.96
C VAL A 18 -3.89 -2.79 -3.12
N LYS A 19 -3.99 -3.26 -4.36
CA LYS A 19 -3.69 -4.64 -4.71
C LYS A 19 -2.23 -5.05 -4.49
N VAL A 20 -1.27 -4.16 -4.82
CA VAL A 20 0.13 -4.53 -4.69
C VAL A 20 0.59 -4.68 -3.25
N VAL A 21 0.24 -3.74 -2.40
CA VAL A 21 0.65 -3.81 -1.01
C VAL A 21 0.13 -5.08 -0.37
N GLU A 22 -1.11 -5.42 -0.65
CA GLU A 22 -1.70 -6.64 -0.09
C GLU A 22 -0.94 -7.89 -0.55
N SER A 23 -0.50 -7.92 -1.81
CA SER A 23 0.23 -9.09 -2.31
C SER A 23 1.58 -9.27 -1.59
N GLN A 24 2.34 -8.18 -1.49
CA GLN A 24 3.62 -8.23 -0.78
C GLN A 24 3.38 -8.43 0.70
N ALA A 25 2.33 -7.81 1.20
CA ALA A 25 1.97 -7.88 2.61
C ALA A 25 1.69 -9.32 2.99
N GLU A 26 1.03 -10.03 2.09
CA GLU A 26 0.70 -11.44 2.30
C GLU A 26 1.96 -12.28 2.28
N LEU A 27 2.84 -11.96 1.34
CA LEU A 27 4.10 -12.68 1.17
C LEU A 27 5.10 -12.39 2.30
N TYR A 28 5.15 -11.16 2.75
CA TYR A 28 6.05 -10.78 3.81
C TYR A 28 5.64 -11.51 5.05
N GLU A 29 4.34 -11.49 5.32
CA GLU A 29 3.87 -12.23 6.46
C GLU A 29 3.94 -13.71 6.13
N LEU A 30 3.94 -14.09 4.86
CA LEU A 30 4.06 -15.52 4.60
C LEU A 30 5.41 -15.93 5.14
N LYS A 31 6.40 -15.13 4.74
CA LYS A 31 7.77 -15.31 5.20
C LYS A 31 7.82 -15.42 6.72
N ASN A 32 7.14 -14.48 7.39
CA ASN A 32 7.16 -14.46 8.87
C ASN A 32 6.04 -15.32 9.46
N THR A 33 4.81 -14.87 9.23
CA THR A 33 3.60 -15.56 9.68
C THR A 33 3.28 -15.27 11.14
N ASN A 34 4.30 -15.15 11.97
CA ASN A 34 4.06 -14.87 13.39
C ASN A 34 3.35 -13.54 13.53
N GLU A 35 3.77 -12.55 12.74
CA GLU A 35 3.16 -11.22 12.79
C GLU A 35 2.47 -10.93 11.47
N LYS A 36 2.19 -9.65 11.22
CA LYS A 36 1.60 -9.23 9.98
C LYS A 36 2.44 -8.09 9.45
N ALA A 37 2.78 -8.14 8.17
CA ALA A 37 3.60 -7.10 7.57
C ALA A 37 2.99 -5.74 7.85
N SER A 38 3.65 -4.69 7.40
CA SER A 38 3.12 -3.35 7.58
C SER A 38 3.73 -2.43 6.57
N LEU A 39 3.06 -1.33 6.28
CA LEU A 39 3.63 -0.42 5.29
C LEU A 39 5.00 0.00 5.75
N SER A 40 5.17 0.31 7.01
CA SER A 40 6.47 0.68 7.49
C SER A 40 7.44 -0.50 7.33
N LYS A 41 6.92 -1.73 7.49
CA LYS A 41 7.76 -2.92 7.39
C LYS A 41 8.13 -3.32 5.97
N LEU A 42 7.17 -3.50 5.10
CA LEU A 42 7.45 -3.95 3.76
C LEU A 42 8.34 -2.94 3.12
N VAL A 43 7.96 -1.71 3.41
CA VAL A 43 8.59 -0.65 2.78
C VAL A 43 10.00 -0.50 3.24
N SER A 44 10.27 -0.56 4.55
CA SER A 44 11.64 -0.46 4.90
C SER A 44 12.32 -1.64 4.23
N SER A 45 11.67 -2.80 4.42
CA SER A 45 12.01 -4.07 3.75
C SER A 45 12.18 -3.94 2.22
N GLY A 46 12.04 -2.72 1.68
CA GLY A 46 12.03 -2.43 0.25
C GLY A 46 11.50 -3.58 -0.60
N ASN A 47 10.49 -4.26 -0.06
CA ASN A 47 9.77 -5.28 -0.79
C ASN A 47 9.01 -4.57 -1.89
N ILE A 48 8.50 -3.42 -1.48
CA ILE A 48 7.73 -2.52 -2.32
C ILE A 48 8.30 -1.12 -2.18
N SER A 49 8.00 -0.25 -3.14
CA SER A 49 8.54 1.10 -3.09
C SER A 49 7.59 2.05 -2.34
N GLN A 50 8.18 2.87 -1.50
CA GLN A 50 7.45 3.82 -0.64
C GLN A 50 6.43 4.64 -1.42
N LYS A 51 6.54 4.69 -2.72
CA LYS A 51 5.56 5.43 -3.50
C LYS A 51 4.28 4.60 -3.46
N GLN A 52 4.52 3.32 -3.56
CA GLN A 52 3.49 2.33 -3.47
C GLN A 52 3.01 2.34 -2.04
N ALA A 53 3.96 2.20 -1.11
CA ALA A 53 3.60 2.12 0.31
C ALA A 53 2.86 3.36 0.78
N ASP A 54 3.28 4.50 0.30
CA ASP A 54 2.63 5.75 0.69
C ASP A 54 1.17 5.79 0.28
N SER A 55 0.86 5.30 -0.89
CA SER A 55 -0.52 5.33 -1.33
C SER A 55 -1.39 4.50 -0.40
N TYR A 56 -0.92 3.32 0.02
CA TYR A 56 -1.76 2.52 0.91
C TYR A 56 -1.85 3.21 2.26
N LYS A 57 -0.72 3.78 2.68
CA LYS A 57 -0.65 4.50 3.94
C LYS A 57 -1.69 5.60 3.93
N ALA A 58 -1.93 6.13 2.75
CA ALA A 58 -2.92 7.17 2.59
C ALA A 58 -4.29 6.63 3.00
N TYR A 59 -4.58 5.36 2.70
CA TYR A 59 -5.86 4.79 3.10
C TYR A 59 -5.99 4.79 4.62
N TYR A 60 -4.89 4.49 5.33
CA TYR A 60 -4.88 4.58 6.78
C TYR A 60 -5.18 6.01 7.14
N GLY A 61 -4.48 6.89 6.45
CA GLY A 61 -4.57 8.30 6.64
C GLY A 61 -6.00 8.83 6.55
N LYS A 62 -6.75 8.36 5.55
CA LYS A 62 -8.11 8.82 5.36
C LYS A 62 -8.98 8.55 6.59
N HIS A 63 -8.89 7.34 7.15
CA HIS A 63 -9.69 7.01 8.34
C HIS A 63 -8.82 6.54 9.50
N SER A 64 -8.41 5.28 9.50
CA SER A 64 -7.59 4.74 10.57
C SER A 64 -7.00 3.38 10.20
N GLY A 65 -6.69 2.57 11.22
CA GLY A 65 -6.12 1.24 11.01
C GLY A 65 -7.14 0.28 10.38
N GLU A 66 -8.37 0.75 10.21
CA GLU A 66 -9.42 -0.09 9.65
C GLU A 66 -9.36 -0.11 8.12
N THR A 67 -8.56 0.76 7.53
CA THR A 67 -8.46 0.79 6.07
C THR A 67 -7.24 0.03 5.57
N GLN A 68 -6.25 -0.22 6.43
CA GLN A 68 -5.06 -0.92 5.99
C GLN A 68 -5.18 -2.42 6.22
N THR A 69 -5.47 -3.12 5.13
CA THR A 69 -5.64 -4.56 5.15
C THR A 69 -4.45 -5.24 5.84
N VAL A 70 -3.30 -4.57 5.86
CA VAL A 70 -2.13 -5.13 6.51
C VAL A 70 -1.86 -4.36 7.78
N ALA A 71 -1.29 -5.00 8.80
CA ALA A 71 -1.07 -4.31 10.04
C ALA A 71 -0.31 -3.02 9.80
N ASN A 72 -0.95 -1.90 10.08
CA ASN A 72 -0.31 -0.59 9.91
C ASN A 72 1.11 -0.60 10.47
N ASN A 1 -10.18 13.32 -5.71
CA ASN A 1 -10.28 13.16 -4.23
C ASN A 1 -11.10 11.92 -3.91
N LEU A 2 -10.44 10.86 -3.45
CA LEU A 2 -11.14 9.62 -3.11
C LEU A 2 -11.89 9.08 -4.32
N THR A 3 -11.21 9.01 -5.46
CA THR A 3 -11.83 8.52 -6.68
C THR A 3 -11.14 7.23 -7.16
N LYS A 4 -11.95 6.21 -7.41
CA LYS A 4 -11.42 4.93 -7.88
C LYS A 4 -12.13 4.50 -9.18
N GLN A 5 -11.40 3.83 -10.05
CA GLN A 5 -11.97 3.37 -11.32
C GLN A 5 -11.22 2.18 -11.87
N LYS A 6 -11.88 1.45 -12.75
CA LYS A 6 -11.27 0.31 -13.38
C LYS A 6 -11.53 0.32 -14.88
N ASP A 7 -10.49 0.17 -15.68
CA ASP A 7 -10.64 0.20 -17.13
C ASP A 7 -10.36 -1.16 -17.75
N ALA A 8 -9.08 -1.49 -17.92
CA ALA A 8 -8.69 -2.76 -18.52
C ALA A 8 -7.29 -3.16 -18.04
N VAL A 9 -6.58 -3.96 -18.85
CA VAL A 9 -5.24 -4.38 -18.47
C VAL A 9 -4.39 -3.15 -18.16
N SER A 10 -4.75 -2.02 -18.75
CA SER A 10 -4.02 -0.78 -18.51
C SER A 10 -4.93 0.21 -17.78
N ASP A 11 -4.45 0.77 -16.68
CA ASP A 11 -5.23 1.71 -15.90
C ASP A 11 -4.35 2.41 -14.87
N THR A 12 -4.95 3.32 -14.09
CA THR A 12 -4.18 4.03 -13.07
C THR A 12 -3.84 3.06 -11.94
N GLY A 13 -2.85 3.43 -11.14
CA GLY A 13 -2.43 2.56 -10.04
C GLY A 13 -3.09 2.91 -8.74
N THR A 14 -4.05 3.82 -8.75
CA THR A 14 -4.70 4.15 -7.51
C THR A 14 -5.31 2.86 -7.01
N ALA A 15 -5.86 2.09 -7.95
CA ALA A 15 -6.40 0.78 -7.63
C ALA A 15 -5.30 -0.20 -7.28
N ALA A 16 -4.21 -0.07 -8.03
CA ALA A 16 -3.07 -0.94 -7.89
C ALA A 16 -2.49 -0.87 -6.50
N VAL A 17 -2.50 0.32 -5.90
CA VAL A 17 -1.92 0.46 -4.57
C VAL A 17 -2.49 -0.59 -3.62
N VAL A 18 -3.76 -0.91 -3.75
CA VAL A 18 -4.36 -1.90 -2.88
C VAL A 18 -3.82 -3.29 -3.23
N LYS A 19 -3.80 -3.58 -4.52
CA LYS A 19 -3.32 -4.87 -5.02
C LYS A 19 -1.86 -5.16 -4.69
N VAL A 20 -0.99 -4.17 -4.86
CA VAL A 20 0.44 -4.35 -4.62
C VAL A 20 0.81 -4.52 -3.14
N VAL A 21 0.34 -3.61 -2.30
CA VAL A 21 0.67 -3.69 -0.89
C VAL A 21 0.09 -4.92 -0.23
N GLU A 22 -1.18 -5.23 -0.51
CA GLU A 22 -1.83 -6.38 0.11
C GLU A 22 -1.20 -7.72 -0.34
N SER A 23 -0.88 -7.86 -1.63
CA SER A 23 -0.28 -9.11 -2.11
C SER A 23 1.12 -9.28 -1.53
N GLN A 24 1.87 -8.19 -1.56
CA GLN A 24 3.22 -8.19 -1.03
C GLN A 24 3.16 -8.39 0.48
N ALA A 25 2.16 -7.78 1.08
CA ALA A 25 1.97 -7.85 2.52
C ALA A 25 1.79 -9.31 2.94
N GLU A 26 1.07 -10.05 2.12
CA GLU A 26 0.84 -11.47 2.37
C GLU A 26 2.14 -12.23 2.24
N LEU A 27 2.93 -11.85 1.25
CA LEU A 27 4.20 -12.52 1.02
C LEU A 27 5.14 -12.30 2.20
N TYR A 28 5.11 -11.10 2.76
CA TYR A 28 5.92 -10.79 3.92
C TYR A 28 5.43 -11.63 5.06
N GLU A 29 4.11 -11.82 5.12
CA GLU A 29 3.53 -12.66 6.13
C GLU A 29 3.98 -14.08 5.91
N LEU A 30 4.15 -14.48 4.65
CA LEU A 30 4.63 -15.81 4.42
C LEU A 30 6.01 -15.88 5.02
N LYS A 31 6.82 -14.87 4.70
CA LYS A 31 8.17 -14.78 5.26
C LYS A 31 8.09 -14.93 6.77
N ASN A 32 7.20 -14.13 7.37
CA ASN A 32 6.98 -14.15 8.82
C ASN A 32 5.49 -14.27 9.12
N THR A 33 5.05 -15.47 9.47
CA THR A 33 3.63 -15.69 9.75
C THR A 33 3.24 -15.38 11.19
N ASN A 34 4.25 -15.28 12.06
CA ASN A 34 3.98 -15.00 13.48
C ASN A 34 3.24 -13.67 13.64
N GLU A 35 3.70 -12.66 12.90
CA GLU A 35 3.08 -11.34 12.96
C GLU A 35 2.37 -11.07 11.65
N LYS A 36 2.09 -9.81 11.37
CA LYS A 36 1.50 -9.45 10.12
C LYS A 36 2.35 -8.35 9.54
N ALA A 37 2.57 -8.38 8.25
CA ALA A 37 3.39 -7.37 7.64
C ALA A 37 2.89 -6.01 8.06
N SER A 38 3.70 -5.00 7.88
CA SER A 38 3.28 -3.67 8.21
C SER A 38 3.70 -2.76 7.07
N LEU A 39 2.90 -1.77 6.77
CA LEU A 39 3.23 -0.89 5.66
C LEU A 39 4.63 -0.35 5.86
N SER A 40 4.93 -0.02 7.10
CA SER A 40 6.26 0.46 7.44
C SER A 40 7.29 -0.64 7.23
N LYS A 41 6.90 -1.89 7.48
CA LYS A 41 7.82 -3.01 7.34
C LYS A 41 8.13 -3.38 5.90
N LEU A 42 7.10 -3.53 5.07
CA LEU A 42 7.33 -3.96 3.72
C LEU A 42 8.19 -2.94 3.07
N VAL A 43 7.85 -1.72 3.41
CA VAL A 43 8.47 -0.65 2.76
C VAL A 43 9.88 -0.52 3.17
N SER A 44 10.22 -0.59 4.46
CA SER A 44 11.59 -0.50 4.75
C SER A 44 12.25 -1.67 4.07
N SER A 45 11.59 -2.83 4.25
CA SER A 45 11.93 -4.10 3.57
C SER A 45 12.06 -3.99 2.03
N GLY A 46 11.99 -2.75 1.48
CA GLY A 46 11.94 -2.49 0.04
C GLY A 46 11.29 -3.61 -0.77
N ASN A 47 10.27 -4.21 -0.14
CA ASN A 47 9.42 -5.19 -0.80
C ASN A 47 8.63 -4.48 -1.86
N ILE A 48 8.22 -3.28 -1.48
CA ILE A 48 7.44 -2.38 -2.31
C ILE A 48 8.07 -1.00 -2.26
N SER A 49 7.77 -0.18 -3.25
CA SER A 49 8.32 1.15 -3.30
C SER A 49 7.51 2.10 -2.44
N GLN A 50 8.21 2.92 -1.66
CA GLN A 50 7.57 3.88 -0.76
C GLN A 50 6.53 4.72 -1.49
N LYS A 51 6.60 4.78 -2.81
CA LYS A 51 5.62 5.54 -3.57
C LYS A 51 4.33 4.74 -3.50
N GLN A 52 4.54 3.44 -3.63
CA GLN A 52 3.51 2.46 -3.53
C GLN A 52 3.04 2.48 -2.09
N ALA A 53 3.99 2.33 -1.16
CA ALA A 53 3.61 2.28 0.25
C ALA A 53 2.93 3.55 0.71
N ASP A 54 3.42 4.68 0.25
CA ASP A 54 2.82 5.94 0.66
C ASP A 54 1.36 6.02 0.26
N SER A 55 1.04 5.53 -0.91
CA SER A 55 -0.33 5.56 -1.34
C SER A 55 -1.21 4.67 -0.46
N TYR A 56 -0.71 3.49 -0.06
CA TYR A 56 -1.52 2.59 0.77
C TYR A 56 -1.66 3.17 2.17
N LYS A 57 -0.55 3.73 2.63
CA LYS A 57 -0.49 4.37 3.94
C LYS A 57 -1.52 5.47 4.00
N ALA A 58 -1.73 6.09 2.86
CA ALA A 58 -2.71 7.15 2.74
C ALA A 58 -4.09 6.61 3.07
N TYR A 59 -4.40 5.37 2.65
CA TYR A 59 -5.71 4.81 2.97
C TYR A 59 -5.87 4.67 4.49
N TYR A 60 -4.79 4.27 5.17
CA TYR A 60 -4.81 4.19 6.61
C TYR A 60 -5.03 5.60 7.11
N GLY A 61 -4.32 6.54 6.50
CA GLY A 61 -4.41 7.92 6.88
C GLY A 61 -5.87 8.38 6.87
N LYS A 62 -6.57 8.08 5.78
CA LYS A 62 -7.98 8.40 5.63
C LYS A 62 -8.87 7.76 6.72
N HIS A 63 -8.26 6.95 7.60
CA HIS A 63 -9.04 6.24 8.61
C HIS A 63 -10.09 7.09 9.31
N SER A 64 -11.07 6.36 9.82
CA SER A 64 -12.20 6.91 10.55
C SER A 64 -13.06 5.72 10.92
N GLY A 65 -12.62 4.97 11.93
CA GLY A 65 -13.31 3.75 12.32
C GLY A 65 -12.88 2.60 11.40
N GLU A 66 -11.82 2.85 10.61
CA GLU A 66 -11.30 1.84 9.68
C GLU A 66 -9.78 1.93 9.60
N THR A 67 -9.15 0.96 8.93
CA THR A 67 -7.69 0.93 8.81
C THR A 67 -7.26 0.30 7.48
N GLN A 68 -5.97 -0.04 7.38
CA GLN A 68 -5.47 -0.70 6.17
C GLN A 68 -5.28 -2.19 6.41
N THR A 69 -5.27 -2.92 5.31
CA THR A 69 -5.13 -4.37 5.33
C THR A 69 -3.87 -4.86 6.06
N VAL A 70 -2.76 -4.13 5.94
CA VAL A 70 -1.53 -4.59 6.59
C VAL A 70 -1.31 -3.77 7.88
N ALA A 71 -0.62 -4.31 8.90
CA ALA A 71 -0.51 -3.59 10.17
C ALA A 71 0.68 -2.63 10.23
N ASN A 72 0.55 -1.48 9.55
CA ASN A 72 1.61 -0.47 9.57
C ASN A 72 2.13 -0.24 10.98
N ASN A 1 -17.44 19.49 -14.08
CA ASN A 1 -17.93 20.70 -13.38
C ASN A 1 -16.83 21.28 -12.50
N LEU A 2 -16.74 22.61 -12.48
CA LEU A 2 -15.73 23.28 -11.67
C LEU A 2 -14.34 22.79 -12.04
N THR A 3 -14.14 22.50 -13.32
CA THR A 3 -12.84 22.02 -13.79
C THR A 3 -11.80 23.12 -13.69
N LYS A 4 -12.24 24.37 -13.83
CA LYS A 4 -11.33 25.50 -13.75
C LYS A 4 -10.72 25.58 -12.35
N GLN A 5 -11.55 25.31 -11.35
CA GLN A 5 -11.10 25.33 -9.96
C GLN A 5 -10.55 23.96 -9.58
N LYS A 6 -9.42 23.93 -8.89
CA LYS A 6 -8.79 22.68 -8.50
C LYS A 6 -8.34 21.94 -9.75
N ASP A 7 -7.94 20.69 -9.59
CA ASP A 7 -7.46 19.93 -10.73
C ASP A 7 -7.96 18.49 -10.70
N ALA A 8 -8.86 18.15 -11.61
CA ALA A 8 -9.41 16.81 -11.69
C ALA A 8 -8.33 15.79 -12.03
N VAL A 9 -8.51 14.57 -11.54
CA VAL A 9 -7.53 13.52 -11.79
C VAL A 9 -8.21 12.27 -12.34
N SER A 10 -7.42 11.40 -12.96
CA SER A 10 -7.95 10.18 -13.55
C SER A 10 -6.93 9.05 -13.44
N ASP A 11 -7.38 7.82 -13.62
CA ASP A 11 -6.49 6.66 -13.52
C ASP A 11 -5.84 6.64 -12.15
N THR A 12 -6.66 6.83 -11.12
CA THR A 12 -6.18 6.83 -9.75
C THR A 12 -5.58 5.48 -9.37
N GLY A 13 -4.40 5.52 -8.73
CA GLY A 13 -3.71 4.30 -8.33
C GLY A 13 -4.10 3.86 -6.95
N THR A 14 -5.15 4.44 -6.41
CA THR A 14 -5.59 4.03 -5.10
C THR A 14 -5.90 2.55 -5.20
N ALA A 15 -6.51 2.18 -6.30
CA ALA A 15 -6.81 0.78 -6.55
C ALA A 15 -5.55 -0.02 -6.75
N ALA A 16 -4.62 0.57 -7.47
CA ALA A 16 -3.36 -0.10 -7.77
C ALA A 16 -2.60 -0.40 -6.49
N VAL A 17 -2.62 0.54 -5.56
CA VAL A 17 -1.88 0.33 -4.31
C VAL A 17 -2.50 -0.79 -3.50
N VAL A 18 -3.79 -0.99 -3.66
CA VAL A 18 -4.45 -2.06 -2.93
C VAL A 18 -3.82 -3.39 -3.33
N LYS A 19 -3.64 -3.54 -4.64
CA LYS A 19 -3.06 -4.75 -5.21
C LYS A 19 -1.59 -5.01 -4.85
N VAL A 20 -0.73 -3.97 -4.80
CA VAL A 20 0.69 -4.21 -4.51
C VAL A 20 0.99 -4.49 -3.04
N VAL A 21 0.51 -3.63 -2.15
CA VAL A 21 0.79 -3.80 -0.73
C VAL A 21 0.18 -5.07 -0.17
N GLU A 22 -1.07 -5.35 -0.52
CA GLU A 22 -1.75 -6.54 -0.03
C GLU A 22 -1.12 -7.83 -0.53
N SER A 23 -0.69 -7.88 -1.80
CA SER A 23 -0.04 -9.09 -2.32
C SER A 23 1.28 -9.33 -1.60
N GLN A 24 2.06 -8.27 -1.51
CA GLN A 24 3.36 -8.32 -0.84
C GLN A 24 3.15 -8.59 0.65
N ALA A 25 2.11 -7.99 1.20
CA ALA A 25 1.82 -8.12 2.61
C ALA A 25 1.65 -9.58 2.95
N GLU A 26 0.92 -10.27 2.08
CA GLU A 26 0.69 -11.68 2.26
C GLU A 26 2.00 -12.43 2.23
N LEU A 27 2.85 -12.07 1.29
CA LEU A 27 4.15 -12.72 1.15
C LEU A 27 5.06 -12.45 2.35
N TYR A 28 5.01 -11.24 2.89
CA TYR A 28 5.82 -10.89 4.04
C TYR A 28 5.30 -11.70 5.20
N GLU A 29 3.97 -11.81 5.25
CA GLU A 29 3.35 -12.61 6.27
C GLU A 29 3.80 -14.04 6.11
N LEU A 30 3.96 -14.49 4.87
CA LEU A 30 4.45 -15.83 4.68
C LEU A 30 5.86 -15.87 5.26
N LYS A 31 6.64 -14.85 4.88
CA LYS A 31 8.01 -14.71 5.35
C LYS A 31 8.11 -14.84 6.86
N ASN A 32 7.26 -14.10 7.58
CA ASN A 32 7.33 -14.12 9.07
C ASN A 32 6.16 -14.86 9.71
N THR A 33 4.94 -14.40 9.43
CA THR A 33 3.71 -14.99 9.96
C THR A 33 3.41 -14.50 11.38
N ASN A 34 4.43 -14.41 12.22
CA ASN A 34 4.24 -13.95 13.59
C ASN A 34 3.67 -12.52 13.59
N GLU A 35 4.17 -11.70 12.67
CA GLU A 35 3.69 -10.32 12.54
C GLU A 35 3.06 -10.11 11.19
N LYS A 36 2.28 -9.03 11.07
CA LYS A 36 1.68 -8.72 9.80
C LYS A 36 2.50 -7.65 9.14
N ALA A 37 2.74 -7.83 7.86
CA ALA A 37 3.52 -6.87 7.11
C ALA A 37 2.98 -5.48 7.37
N SER A 38 3.78 -4.46 7.11
CA SER A 38 3.33 -3.11 7.32
C SER A 38 3.96 -2.22 6.27
N LEU A 39 3.48 -0.99 6.18
CA LEU A 39 4.06 -0.11 5.19
C LEU A 39 5.53 0.06 5.51
N SER A 40 5.87 0.16 6.78
CA SER A 40 7.27 0.29 7.17
C SER A 40 8.08 -0.95 6.81
N LYS A 41 7.50 -2.14 7.02
CA LYS A 41 8.23 -3.40 6.76
C LYS A 41 8.38 -3.75 5.28
N LEU A 42 7.26 -3.78 4.57
CA LEU A 42 7.27 -4.18 3.18
C LEU A 42 8.15 -3.26 2.43
N VAL A 43 8.11 -2.02 2.87
CA VAL A 43 8.85 -1.02 2.20
C VAL A 43 10.29 -1.03 2.59
N SER A 44 10.61 -1.46 3.82
CA SER A 44 12.01 -1.53 4.13
C SER A 44 12.55 -2.55 3.16
N SER A 45 11.82 -3.68 3.17
CA SER A 45 11.98 -4.80 2.21
C SER A 45 11.96 -4.33 0.73
N GLY A 46 11.78 -3.01 0.53
CA GLY A 46 11.57 -2.37 -0.76
C GLY A 46 10.89 -3.22 -1.82
N ASN A 47 10.07 -4.18 -1.39
CA ASN A 47 9.31 -4.97 -2.35
C ASN A 47 8.45 -3.96 -3.08
N ILE A 48 7.92 -3.08 -2.24
CA ILE A 48 7.13 -1.96 -2.67
C ILE A 48 7.84 -0.69 -2.25
N SER A 49 7.90 0.28 -3.14
CA SER A 49 8.58 1.51 -2.81
C SER A 49 7.68 2.40 -1.96
N GLN A 50 8.29 3.34 -1.25
CA GLN A 50 7.57 4.27 -0.38
C GLN A 50 6.51 5.09 -1.15
N LYS A 51 6.51 4.96 -2.47
CA LYS A 51 5.50 5.62 -3.27
C LYS A 51 4.27 4.75 -3.13
N GLN A 52 4.56 3.46 -3.23
CA GLN A 52 3.58 2.44 -3.05
C GLN A 52 3.16 2.43 -1.59
N ALA A 53 4.14 2.44 -0.67
CA ALA A 53 3.79 2.40 0.76
C ALA A 53 3.02 3.63 1.17
N ASP A 54 3.46 4.78 0.71
CA ASP A 54 2.75 6.03 1.04
C ASP A 54 1.35 6.01 0.49
N SER A 55 1.18 5.30 -0.61
CA SER A 55 -0.12 5.17 -1.21
C SER A 55 -1.07 4.43 -0.28
N TYR A 56 -0.60 3.39 0.43
CA TYR A 56 -1.51 2.64 1.31
C TYR A 56 -1.87 3.44 2.55
N LYS A 57 -0.90 4.13 3.10
CA LYS A 57 -1.14 5.00 4.25
C LYS A 57 -2.21 6.02 3.83
N ALA A 58 -2.18 6.28 2.53
CA ALA A 58 -3.15 7.14 1.90
C ALA A 58 -4.54 6.49 1.95
N TYR A 59 -4.59 5.16 1.74
CA TYR A 59 -5.85 4.41 1.83
C TYR A 59 -6.39 4.41 3.26
N TYR A 60 -5.49 4.15 4.22
CA TYR A 60 -5.84 4.19 5.63
C TYR A 60 -6.32 5.59 5.92
N GLY A 61 -5.53 6.50 5.42
CA GLY A 61 -5.75 7.93 5.54
C GLY A 61 -7.13 8.34 5.02
N LYS A 62 -7.54 7.75 3.91
CA LYS A 62 -8.83 8.09 3.29
C LYS A 62 -10.00 7.84 4.24
N HIS A 63 -10.02 6.69 4.91
CA HIS A 63 -11.12 6.38 5.82
C HIS A 63 -10.66 6.29 7.27
N SER A 64 -11.19 7.17 8.11
CA SER A 64 -10.84 7.16 9.53
C SER A 64 -11.28 5.88 10.21
N GLY A 65 -12.56 5.53 10.00
CA GLY A 65 -13.15 4.34 10.59
C GLY A 65 -12.49 3.08 10.09
N GLU A 66 -12.17 3.07 8.81
CA GLU A 66 -11.54 1.91 8.19
C GLU A 66 -10.04 2.07 8.12
N THR A 67 -9.30 1.15 8.73
CA THR A 67 -7.85 1.25 8.73
C THR A 67 -7.22 -0.02 8.15
N GLN A 68 -6.11 0.17 7.40
CA GLN A 68 -5.48 -0.97 6.73
C GLN A 68 -4.03 -1.27 7.18
N THR A 69 -3.02 -0.61 6.56
CA THR A 69 -1.57 -0.87 6.84
C THR A 69 -1.32 -2.33 7.23
N VAL A 70 -2.11 -3.24 6.62
CA VAL A 70 -2.09 -4.68 6.88
C VAL A 70 -2.32 -4.91 8.36
N ALA A 71 -1.28 -4.77 9.15
CA ALA A 71 -1.41 -4.93 10.57
C ALA A 71 -2.35 -3.84 11.15
N ASN A 72 -2.61 -2.76 10.37
CA ASN A 72 -3.49 -1.69 10.89
C ASN A 72 -4.94 -1.98 10.53
N ASN A 1 -10.77 29.63 -15.80
CA ASN A 1 -9.38 29.75 -15.29
C ASN A 1 -8.78 28.36 -15.13
N LEU A 2 -8.00 27.94 -16.12
CA LEU A 2 -7.36 26.64 -16.07
C LEU A 2 -5.85 26.80 -15.97
N THR A 3 -5.22 26.00 -15.10
CA THR A 3 -3.78 26.07 -14.92
C THR A 3 -3.16 24.67 -14.98
N LYS A 4 -1.87 24.61 -15.24
CA LYS A 4 -1.16 23.33 -15.30
C LYS A 4 -0.98 22.77 -13.91
N GLN A 5 -1.07 21.45 -13.78
CA GLN A 5 -0.91 20.79 -12.48
C GLN A 5 0.20 19.75 -12.53
N LYS A 6 1.14 19.84 -11.60
CA LYS A 6 2.24 18.88 -11.54
C LYS A 6 2.36 18.29 -10.14
N ASP A 7 2.77 17.03 -10.08
CA ASP A 7 2.91 16.35 -8.80
C ASP A 7 4.24 15.60 -8.73
N ALA A 8 4.33 14.51 -9.50
CA ALA A 8 5.55 13.71 -9.52
C ALA A 8 5.68 12.99 -10.86
N VAL A 9 6.91 12.59 -11.19
CA VAL A 9 7.15 11.88 -12.44
C VAL A 9 6.28 10.63 -12.52
N SER A 10 5.99 10.05 -11.36
CA SER A 10 5.17 8.85 -11.29
C SER A 10 3.96 9.11 -10.39
N ASP A 11 2.78 8.73 -10.87
CA ASP A 11 1.56 8.93 -10.10
C ASP A 11 1.36 7.83 -9.07
N THR A 12 0.26 7.93 -8.32
CA THR A 12 -0.06 6.94 -7.30
C THR A 12 -1.39 6.27 -7.61
N GLY A 13 -1.40 4.94 -7.58
CA GLY A 13 -2.63 4.20 -7.88
C GLY A 13 -3.41 3.89 -6.62
N THR A 14 -4.67 4.32 -6.61
CA THR A 14 -5.51 4.02 -5.47
C THR A 14 -5.90 2.55 -5.58
N ALA A 15 -6.45 2.16 -6.72
CA ALA A 15 -6.78 0.78 -6.94
C ALA A 15 -5.52 -0.05 -7.04
N ALA A 16 -4.53 0.53 -7.72
CA ALA A 16 -3.27 -0.14 -7.90
C ALA A 16 -2.59 -0.39 -6.57
N VAL A 17 -2.68 0.58 -5.67
CA VAL A 17 -2.01 0.37 -4.38
C VAL A 17 -2.61 -0.82 -3.65
N VAL A 18 -3.90 -1.04 -3.85
CA VAL A 18 -4.56 -2.14 -3.18
C VAL A 18 -3.88 -3.44 -3.59
N LYS A 19 -3.66 -3.57 -4.88
CA LYS A 19 -3.04 -4.76 -5.46
C LYS A 19 -1.59 -5.01 -5.02
N VAL A 20 -0.76 -3.95 -4.87
CA VAL A 20 0.63 -4.16 -4.51
C VAL A 20 0.86 -4.47 -3.02
N VAL A 21 0.37 -3.62 -2.14
CA VAL A 21 0.59 -3.86 -0.71
C VAL A 21 -0.05 -5.15 -0.27
N GLU A 22 -1.27 -5.40 -0.71
CA GLU A 22 -1.97 -6.61 -0.32
C GLU A 22 -1.30 -7.88 -0.85
N SER A 23 -0.67 -7.81 -2.02
CA SER A 23 0.00 -9.01 -2.55
C SER A 23 1.31 -9.28 -1.83
N GLN A 24 2.15 -8.25 -1.68
CA GLN A 24 3.42 -8.40 -0.98
C GLN A 24 3.22 -8.59 0.53
N ALA A 25 2.28 -7.84 1.11
CA ALA A 25 2.06 -7.90 2.56
C ALA A 25 1.74 -9.32 2.97
N GLU A 26 0.91 -9.95 2.15
CA GLU A 26 0.55 -11.33 2.42
C GLU A 26 1.81 -12.16 2.41
N LEU A 27 2.64 -11.93 1.38
CA LEU A 27 3.88 -12.67 1.24
C LEU A 27 4.87 -12.38 2.39
N TYR A 28 4.95 -11.13 2.81
CA TYR A 28 5.84 -10.78 3.90
C TYR A 28 5.36 -11.55 5.11
N GLU A 29 4.07 -11.54 5.29
CA GLU A 29 3.47 -12.26 6.39
C GLU A 29 3.80 -13.72 6.26
N LEU A 30 3.82 -14.25 5.04
CA LEU A 30 4.19 -15.63 4.91
C LEU A 30 5.60 -15.77 5.42
N LYS A 31 6.48 -14.87 4.96
CA LYS A 31 7.86 -14.87 5.42
C LYS A 31 7.89 -14.90 6.94
N ASN A 32 7.12 -13.96 7.52
CA ASN A 32 7.02 -13.85 8.98
C ASN A 32 5.56 -13.82 9.40
N THR A 33 5.07 -14.88 10.01
CA THR A 33 3.68 -14.93 10.44
C THR A 33 3.50 -14.48 11.89
N ASN A 34 4.60 -14.42 12.64
CA ASN A 34 4.51 -14.02 14.05
C ASN A 34 3.97 -12.59 14.13
N GLU A 35 4.41 -11.75 13.22
CA GLU A 35 3.96 -10.37 13.17
C GLU A 35 3.40 -10.09 11.80
N LYS A 36 2.45 -9.18 11.70
CA LYS A 36 1.92 -8.88 10.40
C LYS A 36 2.75 -7.78 9.79
N ALA A 37 3.03 -7.95 8.52
CA ALA A 37 3.82 -6.98 7.78
C ALA A 37 3.28 -5.58 8.00
N SER A 38 3.92 -4.61 7.39
CA SER A 38 3.47 -3.24 7.50
C SER A 38 3.89 -2.50 6.26
N LEU A 39 3.40 -1.28 6.12
CA LEU A 39 3.77 -0.51 4.96
C LEU A 39 5.27 -0.32 5.00
N SER A 40 5.78 -0.01 6.18
CA SER A 40 7.21 0.20 6.36
C SER A 40 8.02 -1.07 6.07
N LYS A 41 7.53 -2.23 6.50
CA LYS A 41 8.27 -3.49 6.29
C LYS A 41 8.46 -3.85 4.82
N LEU A 42 7.39 -3.80 4.04
CA LEU A 42 7.49 -4.17 2.65
C LEU A 42 8.46 -3.24 2.00
N VAL A 43 8.42 -2.01 2.48
CA VAL A 43 9.27 -0.99 1.95
C VAL A 43 10.68 -1.15 2.46
N SER A 44 10.88 -1.66 3.67
CA SER A 44 12.22 -1.86 4.12
C SER A 44 12.81 -2.86 3.15
N SER A 45 12.06 -3.96 3.00
CA SER A 45 12.27 -5.00 1.99
C SER A 45 12.39 -4.41 0.56
N GLY A 46 12.20 -3.09 0.45
CA GLY A 46 12.11 -2.33 -0.79
C GLY A 46 11.59 -3.14 -1.96
N ASN A 47 10.66 -4.06 -1.66
CA ASN A 47 10.03 -4.84 -2.73
C ASN A 47 9.26 -3.84 -3.57
N ILE A 48 8.60 -2.99 -2.82
CA ILE A 48 7.78 -1.93 -3.35
C ILE A 48 8.36 -0.58 -2.90
N SER A 49 8.02 0.51 -3.56
CA SER A 49 8.57 1.80 -3.19
C SER A 49 7.90 2.38 -1.96
N GLN A 50 8.47 3.45 -1.45
CA GLN A 50 7.95 4.10 -0.29
C GLN A 50 6.52 4.51 -0.51
N LYS A 51 6.20 5.17 -1.60
CA LYS A 51 4.85 5.61 -1.83
C LYS A 51 3.95 4.44 -1.90
N GLN A 52 4.46 3.30 -2.28
CA GLN A 52 3.61 2.15 -2.26
C GLN A 52 3.26 1.93 -0.80
N ALA A 53 4.26 2.17 0.07
CA ALA A 53 3.96 2.04 1.51
C ALA A 53 2.97 3.12 1.95
N ASP A 54 3.22 4.38 1.59
CA ASP A 54 2.30 5.45 2.03
C ASP A 54 1.00 5.49 1.24
N SER A 55 0.97 4.80 0.13
CA SER A 55 -0.22 4.76 -0.68
C SER A 55 -1.30 4.00 0.04
N TYR A 56 -0.94 2.92 0.73
CA TYR A 56 -1.99 2.18 1.45
C TYR A 56 -2.40 2.99 2.66
N LYS A 57 -1.42 3.64 3.30
CA LYS A 57 -1.71 4.53 4.42
C LYS A 57 -2.70 5.60 3.93
N ALA A 58 -2.53 5.86 2.64
CA ALA A 58 -3.39 6.79 1.92
C ALA A 58 -4.81 6.21 1.85
N TYR A 59 -4.92 4.88 1.66
CA TYR A 59 -6.22 4.20 1.65
C TYR A 59 -6.81 4.22 3.05
N TYR A 60 -5.94 3.99 4.03
CA TYR A 60 -6.30 4.04 5.43
C TYR A 60 -6.83 5.43 5.71
N GLY A 61 -6.14 6.37 5.10
CA GLY A 61 -6.44 7.77 5.22
C GLY A 61 -7.90 8.04 4.87
N LYS A 62 -8.39 7.36 3.83
CA LYS A 62 -9.78 7.52 3.42
C LYS A 62 -10.73 7.21 4.57
N HIS A 63 -10.49 6.09 5.25
CA HIS A 63 -11.33 5.69 6.37
C HIS A 63 -10.50 5.48 7.64
N SER A 64 -10.62 6.41 8.57
CA SER A 64 -9.89 6.34 9.83
C SER A 64 -10.30 5.10 10.65
N GLY A 65 -11.59 4.88 10.72
CA GLY A 65 -12.14 3.77 11.48
C GLY A 65 -11.62 2.45 10.94
N GLU A 66 -11.50 2.38 9.63
CA GLU A 66 -11.02 1.14 8.99
C GLU A 66 -9.51 1.09 9.00
N THR A 67 -8.95 -0.10 9.26
CA THR A 67 -7.51 -0.26 9.29
C THR A 67 -7.06 -1.20 8.16
N GLN A 68 -6.16 -0.69 7.31
CA GLN A 68 -5.71 -1.41 6.14
C GLN A 68 -5.50 -2.90 6.34
N THR A 69 -5.35 -3.54 5.19
CA THR A 69 -5.18 -4.98 5.08
C THR A 69 -3.98 -5.47 5.89
N VAL A 70 -2.91 -4.66 5.95
CA VAL A 70 -1.73 -5.07 6.68
C VAL A 70 -1.54 -4.13 7.87
N ALA A 71 -0.73 -4.50 8.86
CA ALA A 71 -0.61 -3.63 10.04
C ALA A 71 0.43 -2.52 9.87
N ASN A 72 -0.03 -1.29 9.56
CA ASN A 72 0.90 -0.15 9.44
C ASN A 72 1.00 0.58 10.78
N ASN A 1 -8.16 13.37 -12.64
CA ASN A 1 -8.62 11.96 -12.36
C ASN A 1 -10.01 11.76 -12.94
N LEU A 2 -10.20 12.20 -14.18
CA LEU A 2 -11.49 12.06 -14.84
C LEU A 2 -11.39 11.10 -16.02
N THR A 3 -12.44 10.29 -16.21
CA THR A 3 -12.46 9.33 -17.32
C THR A 3 -11.31 8.34 -17.22
N LYS A 4 -11.43 7.23 -17.95
CA LYS A 4 -10.39 6.21 -17.95
C LYS A 4 -9.79 6.06 -19.34
N GLN A 5 -8.46 6.12 -19.41
CA GLN A 5 -7.76 6.01 -20.68
C GLN A 5 -6.79 4.84 -20.69
N LYS A 6 -6.15 4.64 -21.83
CA LYS A 6 -5.18 3.56 -21.99
C LYS A 6 -5.83 2.20 -21.75
N ASP A 7 -6.94 1.94 -22.42
CA ASP A 7 -7.61 0.67 -22.24
C ASP A 7 -6.72 -0.51 -22.67
N ALA A 8 -6.05 -0.37 -23.82
CA ALA A 8 -5.18 -1.43 -24.33
C ALA A 8 -4.02 -1.74 -23.38
N VAL A 9 -3.41 -0.70 -22.80
CA VAL A 9 -2.29 -0.90 -21.89
C VAL A 9 -2.63 -0.36 -20.50
N SER A 10 -2.44 -1.18 -19.48
CA SER A 10 -2.77 -0.77 -18.13
C SER A 10 -1.87 0.38 -17.67
N ASP A 11 -2.35 1.14 -16.69
CA ASP A 11 -1.62 2.27 -16.16
C ASP A 11 -0.60 1.83 -15.11
N THR A 12 0.03 2.81 -14.47
CA THR A 12 1.03 2.52 -13.45
C THR A 12 0.39 1.72 -12.32
N GLY A 13 -0.80 2.13 -11.88
CA GLY A 13 -1.48 1.43 -10.81
C GLY A 13 -2.63 2.22 -10.23
N THR A 14 -2.35 2.87 -9.11
CA THR A 14 -3.37 3.62 -8.40
C THR A 14 -4.29 2.61 -7.74
N ALA A 15 -5.14 1.98 -8.54
CA ALA A 15 -6.01 0.93 -8.01
C ALA A 15 -5.15 -0.25 -7.62
N ALA A 16 -4.16 -0.49 -8.45
CA ALA A 16 -3.22 -1.56 -8.26
C ALA A 16 -2.48 -1.36 -6.96
N VAL A 17 -2.19 -0.10 -6.63
CA VAL A 17 -1.44 0.18 -5.41
C VAL A 17 -2.11 -0.49 -4.21
N VAL A 18 -3.42 -0.65 -4.28
CA VAL A 18 -4.12 -1.33 -3.20
C VAL A 18 -3.76 -2.81 -3.24
N LYS A 19 -3.76 -3.35 -4.46
CA LYS A 19 -3.46 -4.75 -4.71
C LYS A 19 -2.01 -5.14 -4.32
N VAL A 20 -1.04 -4.31 -4.69
CA VAL A 20 0.36 -4.65 -4.42
C VAL A 20 0.69 -4.65 -2.93
N VAL A 21 0.20 -3.66 -2.21
CA VAL A 21 0.51 -3.62 -0.79
C VAL A 21 -0.05 -4.85 -0.08
N GLU A 22 -1.32 -5.18 -0.33
CA GLU A 22 -1.91 -6.35 0.32
C GLU A 22 -1.26 -7.66 -0.11
N SER A 23 -0.93 -7.77 -1.41
CA SER A 23 -0.26 -8.99 -1.88
C SER A 23 1.10 -9.10 -1.21
N GLN A 24 1.82 -7.99 -1.25
CA GLN A 24 3.14 -7.90 -0.66
C GLN A 24 3.05 -8.15 0.84
N ALA A 25 2.00 -7.61 1.45
CA ALA A 25 1.85 -7.76 2.87
C ALA A 25 1.83 -9.23 3.21
N GLU A 26 0.99 -9.98 2.49
CA GLU A 26 0.87 -11.42 2.69
C GLU A 26 2.14 -12.14 2.32
N LEU A 27 2.79 -11.69 1.25
CA LEU A 27 4.02 -12.34 0.85
C LEU A 27 5.03 -12.21 1.96
N TYR A 28 5.10 -11.03 2.56
CA TYR A 28 6.01 -10.82 3.66
C TYR A 28 5.61 -11.78 4.74
N GLU A 29 4.33 -11.90 5.00
CA GLU A 29 3.84 -12.82 6.01
C GLU A 29 4.23 -14.23 5.64
N LEU A 30 4.31 -14.52 4.34
CA LEU A 30 4.75 -15.85 3.97
C LEU A 30 6.19 -15.97 4.45
N LYS A 31 6.98 -14.95 4.10
CA LYS A 31 8.37 -14.92 4.54
C LYS A 31 8.42 -15.14 6.06
N ASN A 32 7.61 -14.35 6.76
CA ASN A 32 7.52 -14.43 8.22
C ASN A 32 6.06 -14.52 8.65
N THR A 33 5.60 -15.73 8.93
CA THR A 33 4.21 -15.93 9.33
C THR A 33 3.96 -15.52 10.79
N ASN A 34 5.03 -15.35 11.56
CA ASN A 34 4.87 -14.99 12.97
C ASN A 34 4.15 -13.65 13.14
N GLU A 35 4.51 -12.66 12.33
CA GLU A 35 3.90 -11.34 12.43
C GLU A 35 2.96 -11.06 11.26
N LYS A 36 2.46 -9.83 11.18
CA LYS A 36 1.61 -9.44 10.08
C LYS A 36 2.27 -8.26 9.39
N ALA A 37 2.56 -8.41 8.12
CA ALA A 37 3.24 -7.36 7.40
C ALA A 37 2.51 -6.06 7.50
N SER A 38 3.27 -4.98 7.44
CA SER A 38 2.68 -3.66 7.53
C SER A 38 3.31 -2.74 6.51
N LEU A 39 2.60 -1.69 6.20
CA LEU A 39 3.07 -0.74 5.21
C LEU A 39 4.48 -0.30 5.53
N SER A 40 4.67 0.08 6.78
CA SER A 40 5.97 0.53 7.24
C SER A 40 6.99 -0.60 7.11
N LYS A 41 6.58 -1.81 7.50
CA LYS A 41 7.49 -2.95 7.47
C LYS A 41 7.93 -3.34 6.08
N LEU A 42 7.00 -3.51 5.16
CA LEU A 42 7.36 -3.96 3.84
C LEU A 42 8.29 -2.96 3.24
N VAL A 43 7.93 -1.74 3.52
CA VAL A 43 8.62 -0.70 2.88
C VAL A 43 9.99 -0.55 3.43
N SER A 44 10.18 -0.58 4.75
CA SER A 44 11.52 -0.48 5.18
C SER A 44 12.24 -1.70 4.61
N SER A 45 11.58 -2.85 4.80
CA SER A 45 11.97 -4.15 4.21
C SER A 45 12.25 -4.12 2.69
N GLY A 46 12.25 -2.92 2.07
CA GLY A 46 12.36 -2.74 0.62
C GLY A 46 11.79 -3.91 -0.18
N ASN A 47 10.69 -4.46 0.34
CA ASN A 47 9.94 -5.48 -0.36
C ASN A 47 9.34 -4.82 -1.58
N ILE A 48 8.92 -3.59 -1.34
CA ILE A 48 8.33 -2.72 -2.32
C ILE A 48 8.93 -1.34 -2.11
N SER A 49 8.34 -0.32 -2.70
CA SER A 49 8.86 1.03 -2.53
C SER A 49 7.75 1.97 -2.08
N GLN A 50 8.13 2.98 -1.30
CA GLN A 50 7.18 3.93 -0.75
C GLN A 50 6.28 4.62 -1.79
N LYS A 51 6.41 4.31 -3.05
CA LYS A 51 5.50 4.90 -4.01
C LYS A 51 4.23 4.10 -3.83
N GLN A 52 4.48 2.81 -3.69
CA GLN A 52 3.45 1.85 -3.42
C GLN A 52 2.97 2.07 -2.00
N ALA A 53 3.92 2.05 -1.06
CA ALA A 53 3.56 2.18 0.35
C ALA A 53 2.89 3.52 0.67
N ASP A 54 3.37 4.60 0.10
CA ASP A 54 2.76 5.88 0.42
C ASP A 54 1.32 5.98 0.00
N SER A 55 0.97 5.44 -1.15
CA SER A 55 -0.42 5.52 -1.57
C SER A 55 -1.30 4.71 -0.62
N TYR A 56 -0.84 3.52 -0.23
CA TYR A 56 -1.67 2.70 0.66
C TYR A 56 -1.68 3.32 2.05
N LYS A 57 -0.58 3.97 2.40
CA LYS A 57 -0.45 4.65 3.68
C LYS A 57 -1.51 5.72 3.74
N ALA A 58 -1.74 6.33 2.59
CA ALA A 58 -2.75 7.35 2.48
C ALA A 58 -4.11 6.75 2.69
N TYR A 59 -4.25 5.42 2.53
CA TYR A 59 -5.55 4.80 2.81
C TYR A 59 -5.85 4.95 4.30
N TYR A 60 -4.84 4.66 5.14
CA TYR A 60 -4.96 4.84 6.58
C TYR A 60 -5.19 6.30 6.90
N GLY A 61 -4.32 7.11 6.31
CA GLY A 61 -4.33 8.54 6.50
C GLY A 61 -5.68 9.21 6.19
N LYS A 62 -6.22 8.91 5.02
CA LYS A 62 -7.47 9.52 4.57
C LYS A 62 -8.63 9.24 5.52
N HIS A 63 -8.74 8.01 6.01
CA HIS A 63 -9.84 7.66 6.90
C HIS A 63 -9.43 7.68 8.35
N SER A 64 -10.41 7.87 9.23
CA SER A 64 -10.17 7.86 10.66
C SER A 64 -10.99 6.77 11.32
N GLY A 65 -10.47 6.18 12.38
CA GLY A 65 -11.17 5.11 13.06
C GLY A 65 -10.96 3.79 12.31
N GLU A 66 -10.16 3.84 11.24
CA GLU A 66 -9.88 2.64 10.44
C GLU A 66 -8.46 2.70 9.88
N THR A 67 -7.99 1.57 9.36
CA THR A 67 -6.63 1.50 8.83
C THR A 67 -6.56 0.60 7.59
N GLN A 68 -5.39 -0.04 7.37
CA GLN A 68 -5.23 -0.95 6.25
C GLN A 68 -5.48 -2.38 6.72
N THR A 69 -5.80 -3.26 5.78
CA THR A 69 -6.14 -4.64 6.10
C THR A 69 -5.03 -5.37 6.86
N VAL A 70 -3.75 -5.17 6.51
CA VAL A 70 -2.70 -5.89 7.23
C VAL A 70 -2.32 -5.16 8.51
N ALA A 71 -1.12 -5.39 9.02
CA ALA A 71 -0.76 -4.78 10.27
C ALA A 71 -0.78 -3.25 10.19
N ASN A 72 -0.33 -2.68 9.06
CA ASN A 72 -0.30 -1.23 8.89
C ASN A 72 0.58 -0.55 9.93
N ASN A 1 -9.76 20.63 -29.44
CA ASN A 1 -8.63 19.71 -29.12
C ASN A 1 -7.38 20.54 -28.82
N LEU A 2 -6.44 19.95 -28.08
CA LEU A 2 -5.21 20.64 -27.73
C LEU A 2 -4.02 20.02 -28.46
N THR A 3 -3.15 20.88 -28.99
CA THR A 3 -1.97 20.39 -29.71
C THR A 3 -0.99 19.72 -28.74
N LYS A 4 -0.94 20.24 -27.53
CA LYS A 4 -0.05 19.70 -26.50
C LYS A 4 -0.79 19.66 -25.17
N GLN A 5 -0.79 18.50 -24.52
CA GLN A 5 -1.49 18.35 -23.25
C GLN A 5 -0.78 17.35 -22.34
N LYS A 6 -0.78 17.65 -21.04
CA LYS A 6 -0.16 16.77 -20.06
C LYS A 6 -1.23 16.27 -19.10
N ASP A 7 -1.16 15.00 -18.77
CA ASP A 7 -2.15 14.41 -17.88
C ASP A 7 -1.51 13.87 -16.60
N ALA A 8 -1.79 14.52 -15.48
CA ALA A 8 -1.25 14.11 -14.20
C ALA A 8 -1.69 12.70 -13.82
N VAL A 9 -2.95 12.38 -14.13
CA VAL A 9 -3.50 11.06 -13.78
C VAL A 9 -3.24 10.03 -14.89
N SER A 10 -2.15 10.20 -15.62
CA SER A 10 -1.80 9.26 -16.69
C SER A 10 -1.61 7.86 -16.13
N ASP A 11 -0.99 7.78 -14.95
CA ASP A 11 -0.74 6.49 -14.33
C ASP A 11 -2.06 5.75 -14.09
N THR A 12 -2.02 4.43 -14.26
CA THR A 12 -3.20 3.60 -14.08
C THR A 12 -3.21 2.92 -12.71
N GLY A 13 -2.30 3.33 -11.83
CA GLY A 13 -2.23 2.73 -10.51
C GLY A 13 -3.31 3.25 -9.60
N THR A 14 -2.91 3.61 -8.38
CA THR A 14 -3.85 4.08 -7.37
C THR A 14 -4.59 2.85 -6.87
N ALA A 15 -5.40 2.28 -7.73
CA ALA A 15 -6.12 1.06 -7.39
C ALA A 15 -5.10 -0.07 -7.23
N ALA A 16 -4.11 -0.03 -8.09
CA ALA A 16 -3.05 -1.03 -8.08
C ALA A 16 -2.32 -0.98 -6.76
N VAL A 17 -2.14 0.21 -6.21
CA VAL A 17 -1.41 0.32 -4.94
C VAL A 17 -2.04 -0.60 -3.91
N VAL A 18 -3.35 -0.79 -3.99
CA VAL A 18 -4.01 -1.70 -3.07
C VAL A 18 -3.47 -3.09 -3.32
N LYS A 19 -3.42 -3.43 -4.61
CA LYS A 19 -2.96 -4.75 -5.06
C LYS A 19 -1.51 -5.07 -4.65
N VAL A 20 -0.58 -4.13 -4.79
CA VAL A 20 0.81 -4.42 -4.44
C VAL A 20 0.98 -4.60 -2.94
N VAL A 21 0.46 -3.65 -2.18
CA VAL A 21 0.63 -3.73 -0.74
C VAL A 21 -0.01 -4.98 -0.17
N GLU A 22 -1.25 -5.27 -0.55
CA GLU A 22 -1.94 -6.45 -0.04
C GLU A 22 -1.32 -7.76 -0.53
N SER A 23 -0.73 -7.75 -1.72
CA SER A 23 -0.08 -8.95 -2.22
C SER A 23 1.22 -9.18 -1.47
N GLN A 24 2.02 -8.12 -1.41
CA GLN A 24 3.30 -8.15 -0.73
C GLN A 24 3.09 -8.36 0.76
N ALA A 25 2.04 -7.74 1.27
CA ALA A 25 1.74 -7.82 2.69
C ALA A 25 1.64 -9.29 3.07
N GLU A 26 0.94 -10.05 2.23
CA GLU A 26 0.77 -11.47 2.43
C GLU A 26 2.08 -12.20 2.26
N LEU A 27 2.86 -11.73 1.30
CA LEU A 27 4.17 -12.34 1.05
C LEU A 27 5.06 -12.15 2.27
N TYR A 28 5.08 -10.95 2.80
CA TYR A 28 5.90 -10.64 3.94
C TYR A 28 5.38 -11.43 5.10
N GLU A 29 4.07 -11.51 5.19
CA GLU A 29 3.42 -12.29 6.21
C GLU A 29 3.59 -13.77 5.93
N LEU A 30 4.05 -14.13 4.73
CA LEU A 30 4.31 -15.51 4.49
C LEU A 30 5.49 -15.83 5.36
N LYS A 31 6.50 -14.94 5.24
CA LYS A 31 7.68 -15.03 6.07
C LYS A 31 7.25 -15.14 7.52
N ASN A 32 6.34 -14.24 7.89
CA ASN A 32 5.83 -14.23 9.25
C ASN A 32 4.30 -14.23 9.26
N THR A 33 3.71 -15.41 9.38
CA THR A 33 2.25 -15.52 9.37
C THR A 33 1.67 -15.26 10.76
N ASN A 34 2.53 -15.31 11.79
CA ASN A 34 2.07 -15.08 13.15
C ASN A 34 2.27 -13.61 13.53
N GLU A 35 2.73 -12.79 12.58
CA GLU A 35 2.96 -11.38 12.84
C GLU A 35 2.39 -10.58 11.70
N LYS A 36 2.11 -9.31 11.97
CA LYS A 36 1.64 -8.44 10.92
C LYS A 36 2.83 -7.62 10.47
N ALA A 37 2.97 -7.45 9.18
CA ALA A 37 4.06 -6.63 8.64
C ALA A 37 3.58 -5.18 8.63
N SER A 38 4.18 -4.37 7.79
CA SER A 38 3.71 -2.99 7.66
C SER A 38 4.19 -2.43 6.35
N LEU A 39 3.68 -1.28 5.98
CA LEU A 39 4.11 -0.67 4.74
C LEU A 39 5.61 -0.42 4.78
N SER A 40 6.09 0.15 5.87
CA SER A 40 7.52 0.43 5.99
C SER A 40 8.30 -0.87 5.89
N LYS A 41 7.73 -1.94 6.42
CA LYS A 41 8.37 -3.24 6.36
C LYS A 41 8.39 -3.77 4.93
N LEU A 42 7.32 -3.50 4.21
CA LEU A 42 7.22 -3.93 2.84
C LEU A 42 8.21 -3.18 2.01
N VAL A 43 8.40 -1.92 2.33
CA VAL A 43 9.28 -1.12 1.53
C VAL A 43 10.71 -1.38 1.89
N SER A 44 10.96 -1.63 3.17
CA SER A 44 12.32 -1.88 3.53
C SER A 44 12.73 -3.09 2.70
N SER A 45 11.87 -4.11 2.79
CA SER A 45 11.92 -5.32 1.95
C SER A 45 11.89 -5.01 0.42
N GLY A 46 12.09 -3.74 0.02
CA GLY A 46 11.97 -3.24 -1.35
C GLY A 46 10.97 -4.01 -2.21
N ASN A 47 9.90 -4.50 -1.57
CA ASN A 47 8.79 -5.15 -2.27
C ASN A 47 8.08 -4.13 -3.13
N ILE A 48 7.93 -2.96 -2.54
CA ILE A 48 7.23 -1.84 -3.15
C ILE A 48 7.97 -0.52 -2.94
N SER A 49 7.60 0.52 -3.70
CA SER A 49 8.21 1.81 -3.53
C SER A 49 7.62 2.43 -2.30
N GLN A 50 8.33 3.35 -1.69
CA GLN A 50 7.82 3.97 -0.49
C GLN A 50 6.49 4.61 -0.77
N LYS A 51 6.35 5.34 -1.87
CA LYS A 51 5.10 5.99 -2.19
C LYS A 51 4.03 4.98 -2.46
N GLN A 52 4.44 3.84 -2.96
CA GLN A 52 3.52 2.79 -3.20
C GLN A 52 3.08 2.39 -1.81
N ALA A 53 4.06 2.41 -0.89
CA ALA A 53 3.74 2.09 0.48
C ALA A 53 2.80 3.15 1.07
N ASP A 54 3.19 4.43 0.95
CA ASP A 54 2.38 5.50 1.56
C ASP A 54 0.97 5.51 1.02
N SER A 55 0.78 5.42 -0.27
CA SER A 55 -0.57 5.48 -0.79
C SER A 55 -1.45 4.47 -0.11
N TYR A 56 -0.96 3.27 0.24
CA TYR A 56 -1.85 2.37 0.95
C TYR A 56 -2.08 2.91 2.36
N LYS A 57 -1.01 3.41 2.98
CA LYS A 57 -1.10 3.88 4.37
C LYS A 57 -2.29 4.78 4.54
N ALA A 58 -2.50 5.67 3.61
CA ALA A 58 -3.63 6.55 3.73
C ALA A 58 -4.86 5.66 3.76
N TYR A 59 -4.98 4.76 2.78
CA TYR A 59 -6.17 3.91 2.69
C TYR A 59 -6.46 3.28 4.06
N TYR A 60 -5.44 2.76 4.74
CA TYR A 60 -5.63 2.25 6.08
C TYR A 60 -6.16 3.36 6.94
N GLY A 61 -5.56 4.51 6.77
CA GLY A 61 -5.93 5.70 7.50
C GLY A 61 -7.42 6.02 7.39
N LYS A 62 -7.95 5.89 6.18
CA LYS A 62 -9.36 6.16 5.90
C LYS A 62 -10.29 5.27 6.73
N HIS A 63 -9.90 4.01 6.90
CA HIS A 63 -10.70 3.01 7.61
C HIS A 63 -11.45 3.55 8.83
N SER A 64 -12.41 2.75 9.29
CA SER A 64 -13.22 3.10 10.44
C SER A 64 -13.05 2.07 11.58
N GLY A 65 -13.68 0.91 11.44
CA GLY A 65 -13.61 -0.12 12.48
C GLY A 65 -12.63 -1.26 12.17
N GLU A 66 -11.87 -1.17 11.09
CA GLU A 66 -10.93 -2.24 10.75
C GLU A 66 -9.72 -1.69 9.98
N THR A 67 -8.63 -2.44 9.94
CA THR A 67 -7.44 -1.99 9.23
C THR A 67 -7.00 -3.04 8.22
N GLN A 68 -6.31 -2.63 7.14
CA GLN A 68 -5.89 -3.55 6.10
C GLN A 68 -5.33 -4.87 6.64
N THR A 69 -4.92 -5.70 5.69
CA THR A 69 -4.33 -7.00 5.99
C THR A 69 -3.04 -6.86 6.78
N VAL A 70 -2.22 -5.86 6.46
CA VAL A 70 -0.94 -5.70 7.13
C VAL A 70 -0.95 -4.47 8.05
N ALA A 71 -0.24 -4.59 9.18
CA ALA A 71 -0.20 -3.50 10.16
C ALA A 71 0.61 -2.32 9.64
N ASN A 72 0.00 -1.55 8.74
CA ASN A 72 0.63 -0.37 8.14
C ASN A 72 1.49 0.37 9.16
N ASN A 1 -2.31 23.79 -19.34
CA ASN A 1 -1.91 22.98 -20.53
C ASN A 1 -3.07 22.06 -20.91
N LEU A 2 -4.18 22.65 -21.34
CA LEU A 2 -5.35 21.88 -21.73
C LEU A 2 -5.53 21.92 -23.25
N THR A 3 -5.58 20.74 -23.87
CA THR A 3 -5.75 20.62 -25.32
C THR A 3 -4.45 20.96 -26.07
N LYS A 4 -3.85 22.09 -25.74
CA LYS A 4 -2.61 22.50 -26.41
C LYS A 4 -1.52 21.47 -26.18
N GLN A 5 -1.38 21.00 -24.95
CA GLN A 5 -0.36 20.01 -24.63
C GLN A 5 -0.96 18.84 -23.86
N LYS A 6 -0.71 17.63 -24.35
CA LYS A 6 -1.23 16.43 -23.72
C LYS A 6 -0.63 16.27 -22.32
N ASP A 7 0.66 16.59 -22.21
CA ASP A 7 1.37 16.48 -20.93
C ASP A 7 1.25 15.06 -20.38
N ALA A 8 1.45 14.07 -21.26
CA ALA A 8 1.38 12.67 -20.86
C ALA A 8 -0.01 12.32 -20.34
N VAL A 9 -0.38 11.06 -20.50
CA VAL A 9 -1.68 10.58 -20.03
C VAL A 9 -1.78 10.69 -18.51
N SER A 10 -0.62 10.59 -17.85
CA SER A 10 -0.57 10.68 -16.40
C SER A 10 -1.25 9.47 -15.74
N ASP A 11 -0.93 8.28 -16.23
CA ASP A 11 -1.51 7.06 -15.67
C ASP A 11 -1.05 6.86 -14.23
N THR A 12 -1.92 6.29 -13.41
CA THR A 12 -1.57 6.05 -12.01
C THR A 12 -2.25 4.80 -11.48
N GLY A 13 -1.62 4.15 -10.52
CA GLY A 13 -2.16 2.93 -9.92
C GLY A 13 -2.77 3.19 -8.58
N THR A 14 -3.73 4.08 -8.52
CA THR A 14 -4.39 4.32 -7.26
C THR A 14 -5.01 3.00 -6.85
N ALA A 15 -5.68 2.37 -7.80
CA ALA A 15 -6.29 1.07 -7.59
C ALA A 15 -5.23 -0.01 -7.40
N ALA A 16 -4.19 0.11 -8.21
CA ALA A 16 -3.10 -0.84 -8.19
C ALA A 16 -2.45 -0.89 -6.83
N VAL A 17 -2.36 0.28 -6.18
CA VAL A 17 -1.71 0.31 -4.87
C VAL A 17 -2.35 -0.71 -3.94
N VAL A 18 -3.65 -0.91 -4.09
CA VAL A 18 -4.34 -1.88 -3.26
C VAL A 18 -3.81 -3.27 -3.58
N LYS A 19 -3.74 -3.56 -4.87
CA LYS A 19 -3.27 -4.86 -5.36
C LYS A 19 -1.82 -5.17 -4.97
N VAL A 20 -0.91 -4.20 -5.10
CA VAL A 20 0.49 -4.47 -4.78
C VAL A 20 0.73 -4.62 -3.27
N VAL A 21 0.32 -3.64 -2.50
CA VAL A 21 0.58 -3.69 -1.08
C VAL A 21 -0.09 -4.89 -0.43
N GLU A 22 -1.36 -5.18 -0.75
CA GLU A 22 -1.99 -6.34 -0.12
C GLU A 22 -1.24 -7.62 -0.50
N SER A 23 -1.03 -7.80 -1.80
CA SER A 23 -0.40 -9.03 -2.27
C SER A 23 0.99 -9.19 -1.64
N GLN A 24 1.80 -8.14 -1.69
CA GLN A 24 3.13 -8.20 -1.11
C GLN A 24 3.02 -8.40 0.40
N ALA A 25 2.05 -7.72 0.98
CA ALA A 25 1.84 -7.75 2.42
C ALA A 25 1.60 -9.18 2.90
N GLU A 26 0.81 -9.91 2.15
CA GLU A 26 0.53 -11.31 2.45
C GLU A 26 1.81 -12.11 2.34
N LEU A 27 2.57 -11.76 1.32
CA LEU A 27 3.82 -12.46 1.09
C LEU A 27 4.75 -12.25 2.28
N TYR A 28 4.82 -11.03 2.78
CA TYR A 28 5.69 -10.71 3.90
C TYR A 28 5.21 -11.50 5.08
N GLU A 29 3.90 -11.62 5.19
CA GLU A 29 3.38 -12.39 6.29
C GLU A 29 3.93 -13.79 6.14
N LEU A 30 3.94 -14.34 4.93
CA LEU A 30 4.50 -15.66 4.77
C LEU A 30 5.98 -15.61 5.14
N LYS A 31 6.65 -14.57 4.67
CA LYS A 31 8.07 -14.39 4.96
C LYS A 31 8.34 -14.55 6.44
N ASN A 32 7.55 -13.86 7.26
CA ASN A 32 7.74 -13.94 8.72
C ASN A 32 6.62 -14.71 9.41
N THR A 33 5.41 -14.14 9.38
CA THR A 33 4.22 -14.76 9.98
C THR A 33 4.16 -14.56 11.51
N ASN A 34 5.31 -14.57 12.17
CA ASN A 34 5.33 -14.36 13.62
C ASN A 34 4.73 -13.00 13.93
N GLU A 35 5.08 -12.04 13.08
CA GLU A 35 4.58 -10.68 13.21
C GLU A 35 3.78 -10.35 11.97
N LYS A 36 2.84 -9.43 12.07
CA LYS A 36 2.07 -9.11 10.90
C LYS A 36 2.76 -8.03 10.12
N ALA A 37 2.90 -8.30 8.84
CA ALA A 37 3.58 -7.38 7.95
C ALA A 37 3.07 -5.99 8.21
N SER A 38 3.97 -5.02 8.13
CA SER A 38 3.57 -3.65 8.36
C SER A 38 3.93 -2.87 7.13
N LEU A 39 3.16 -1.84 6.78
CA LEU A 39 3.47 -1.09 5.57
C LEU A 39 4.92 -0.63 5.64
N SER A 40 5.28 -0.01 6.74
CA SER A 40 6.64 0.47 6.93
C SER A 40 7.61 -0.69 6.83
N LYS A 41 7.23 -1.84 7.38
CA LYS A 41 8.08 -3.02 7.32
C LYS A 41 8.23 -3.53 5.90
N LEU A 42 7.17 -3.46 5.13
CA LEU A 42 7.18 -3.94 3.79
C LEU A 42 8.13 -3.12 3.00
N VAL A 43 8.14 -1.84 3.28
CA VAL A 43 8.97 -0.98 2.53
C VAL A 43 10.37 -1.00 3.04
N SER A 44 10.53 -1.14 4.35
CA SER A 44 11.85 -1.20 4.87
C SER A 44 12.48 -2.42 4.23
N SER A 45 11.74 -3.53 4.34
CA SER A 45 12.03 -4.81 3.65
C SER A 45 12.18 -4.65 2.11
N GLY A 46 12.24 -3.39 1.63
CA GLY A 46 12.23 -3.04 0.21
C GLY A 46 11.49 -4.03 -0.69
N ASN A 47 10.46 -4.68 -0.15
CA ASN A 47 9.63 -5.57 -0.94
C ASN A 47 8.92 -4.64 -1.93
N ILE A 48 8.49 -3.54 -1.34
CA ILE A 48 7.83 -2.45 -2.02
C ILE A 48 8.53 -1.16 -1.65
N SER A 49 8.25 -0.08 -2.36
CA SER A 49 8.89 1.17 -2.09
C SER A 49 7.87 2.23 -1.72
N GLN A 50 8.35 3.25 -0.99
CA GLN A 50 7.53 4.40 -0.50
C GLN A 50 6.68 5.09 -1.60
N LYS A 51 6.67 4.52 -2.78
CA LYS A 51 5.87 5.01 -3.87
C LYS A 51 4.52 4.40 -3.65
N GLN A 52 4.60 3.09 -3.51
CA GLN A 52 3.49 2.24 -3.25
C GLN A 52 3.21 2.18 -1.76
N ALA A 53 4.25 2.35 -0.93
CA ALA A 53 4.01 2.31 0.50
C ALA A 53 3.12 3.48 0.89
N ASP A 54 3.49 4.69 0.48
CA ASP A 54 2.68 5.82 0.89
C ASP A 54 1.26 5.72 0.40
N SER A 55 1.04 5.48 -0.87
CA SER A 55 -0.32 5.47 -1.34
C SER A 55 -1.17 4.48 -0.59
N TYR A 56 -0.68 3.30 -0.23
CA TYR A 56 -1.54 2.38 0.51
C TYR A 56 -1.74 2.91 1.92
N LYS A 57 -0.65 3.42 2.49
CA LYS A 57 -0.68 3.88 3.87
C LYS A 57 -1.82 4.80 4.09
N ALA A 58 -2.11 5.66 3.14
CA ALA A 58 -3.23 6.54 3.32
C ALA A 58 -4.45 5.65 3.50
N TYR A 59 -4.64 4.69 2.58
CA TYR A 59 -5.85 3.84 2.65
C TYR A 59 -6.08 3.36 4.09
N TYR A 60 -5.04 2.92 4.79
CA TYR A 60 -5.19 2.56 6.19
C TYR A 60 -5.65 3.77 6.97
N GLY A 61 -4.97 4.86 6.69
CA GLY A 61 -5.23 6.14 7.33
C GLY A 61 -6.70 6.58 7.22
N LYS A 62 -7.27 6.49 6.02
CA LYS A 62 -8.65 6.90 5.80
C LYS A 62 -9.63 6.13 6.68
N HIS A 63 -9.46 4.82 6.75
CA HIS A 63 -10.35 3.99 7.55
C HIS A 63 -9.94 3.99 9.01
N SER A 64 -10.94 3.93 9.88
CA SER A 64 -10.70 3.91 11.32
C SER A 64 -11.42 2.74 11.96
N GLY A 65 -10.88 2.26 13.07
CA GLY A 65 -11.48 1.12 13.75
C GLY A 65 -11.04 -0.18 13.09
N GLU A 66 -10.21 -0.05 12.04
CA GLU A 66 -9.73 -1.23 11.33
C GLU A 66 -8.36 -0.95 10.71
N THR A 67 -7.59 -2.01 10.53
CA THR A 67 -6.25 -1.87 9.96
C THR A 67 -6.05 -2.84 8.80
N GLN A 68 -5.51 -2.36 7.67
CA GLN A 68 -5.28 -3.22 6.50
C GLN A 68 -4.72 -4.63 6.87
N THR A 69 -4.47 -5.45 5.86
CA THR A 69 -3.94 -6.82 6.07
C THR A 69 -2.51 -6.80 6.66
N VAL A 70 -1.86 -5.66 6.55
CA VAL A 70 -0.49 -5.46 7.05
C VAL A 70 -0.53 -4.28 8.03
N ALA A 71 -0.25 -4.51 9.32
CA ALA A 71 -0.36 -3.43 10.28
C ALA A 71 0.90 -2.59 10.41
N ASN A 72 0.79 -1.33 9.99
CA ASN A 72 1.91 -0.39 10.07
C ASN A 72 2.67 -0.54 11.38
N ASN A 1 -8.99 29.86 -9.00
CA ASN A 1 -9.51 29.04 -7.87
C ASN A 1 -8.62 27.83 -7.69
N LEU A 2 -7.46 28.03 -7.06
CA LEU A 2 -6.52 26.95 -6.83
C LEU A 2 -7.06 25.94 -5.82
N THR A 3 -6.75 24.67 -6.05
CA THR A 3 -7.20 23.61 -5.16
C THR A 3 -6.01 22.74 -4.74
N LYS A 4 -6.19 22.02 -3.64
CA LYS A 4 -5.12 21.17 -3.12
C LYS A 4 -4.76 20.08 -4.13
N GLN A 5 -5.77 19.51 -4.78
CA GLN A 5 -5.54 18.46 -5.76
C GLN A 5 -5.00 19.03 -7.06
N LYS A 6 -3.90 18.46 -7.54
CA LYS A 6 -3.28 18.92 -8.79
C LYS A 6 -2.09 18.05 -9.17
N ASP A 7 -2.21 16.75 -8.95
CA ASP A 7 -1.09 15.87 -9.27
C ASP A 7 -1.53 14.56 -9.93
N ALA A 8 -2.78 14.50 -10.39
CA ALA A 8 -3.26 13.27 -11.04
C ALA A 8 -4.15 13.63 -12.23
N VAL A 9 -3.94 12.91 -13.35
CA VAL A 9 -4.73 13.14 -14.55
C VAL A 9 -6.19 12.83 -14.28
N SER A 10 -6.44 11.68 -13.65
CA SER A 10 -7.80 11.28 -13.33
C SER A 10 -7.81 10.23 -12.22
N ASP A 11 -6.78 9.37 -12.21
CA ASP A 11 -6.68 8.32 -11.19
C ASP A 11 -5.46 8.55 -10.31
N THR A 12 -5.56 8.14 -9.04
CA THR A 12 -4.45 8.28 -8.10
C THR A 12 -3.77 6.94 -7.82
N GLY A 13 -4.38 5.85 -8.30
CA GLY A 13 -3.82 4.53 -8.09
C GLY A 13 -4.02 4.07 -6.67
N THR A 14 -4.94 4.68 -5.97
CA THR A 14 -5.20 4.26 -4.62
C THR A 14 -5.62 2.80 -4.70
N ALA A 15 -6.43 2.51 -5.69
CA ALA A 15 -6.88 1.15 -5.91
C ALA A 15 -5.75 0.25 -6.34
N ALA A 16 -4.91 0.78 -7.22
CA ALA A 16 -3.80 0.01 -7.73
C ALA A 16 -2.86 -0.38 -6.61
N VAL A 17 -2.64 0.53 -5.68
CA VAL A 17 -1.73 0.22 -4.59
C VAL A 17 -2.30 -0.86 -3.68
N VAL A 18 -3.61 -0.92 -3.61
CA VAL A 18 -4.26 -1.91 -2.75
C VAL A 18 -3.86 -3.30 -3.22
N LYS A 19 -3.89 -3.48 -4.53
CA LYS A 19 -3.56 -4.75 -5.16
C LYS A 19 -2.08 -5.14 -4.98
N VAL A 20 -1.15 -4.19 -5.01
CA VAL A 20 0.26 -4.54 -4.87
C VAL A 20 0.70 -4.73 -3.42
N VAL A 21 0.39 -3.77 -2.56
CA VAL A 21 0.81 -3.87 -1.16
C VAL A 21 0.16 -5.08 -0.49
N GLU A 22 -1.13 -5.28 -0.71
CA GLU A 22 -1.81 -6.39 -0.08
C GLU A 22 -1.21 -7.72 -0.50
N SER A 23 -0.89 -7.90 -1.78
CA SER A 23 -0.29 -9.15 -2.21
C SER A 23 1.08 -9.35 -1.58
N GLN A 24 1.87 -8.28 -1.55
CA GLN A 24 3.21 -8.38 -0.97
C GLN A 24 3.15 -8.58 0.54
N ALA A 25 2.22 -7.89 1.19
CA ALA A 25 2.10 -7.97 2.65
C ALA A 25 1.85 -9.41 3.03
N GLU A 26 1.01 -10.03 2.24
CA GLU A 26 0.68 -11.42 2.44
C GLU A 26 1.95 -12.23 2.36
N LEU A 27 2.76 -11.91 1.36
CA LEU A 27 4.01 -12.62 1.16
C LEU A 27 5.05 -12.36 2.27
N TYR A 28 5.13 -11.13 2.76
CA TYR A 28 6.10 -10.83 3.80
C TYR A 28 5.75 -11.63 5.02
N GLU A 29 4.49 -11.55 5.39
CA GLU A 29 4.05 -12.32 6.52
C GLU A 29 4.08 -13.79 6.16
N LEU A 30 4.01 -14.11 4.87
CA LEU A 30 4.09 -15.51 4.53
C LEU A 30 5.47 -15.96 4.95
N LYS A 31 6.45 -15.17 4.54
CA LYS A 31 7.84 -15.41 4.92
C LYS A 31 7.91 -15.58 6.43
N ASN A 32 7.28 -14.61 7.13
CA ASN A 32 7.24 -14.64 8.60
C ASN A 32 5.81 -14.53 9.09
N THR A 33 5.26 -15.62 9.59
CA THR A 33 3.87 -15.61 10.04
C THR A 33 3.75 -15.23 11.52
N ASN A 34 4.87 -15.03 12.21
CA ASN A 34 4.82 -14.66 13.61
C ASN A 34 4.06 -13.34 13.74
N GLU A 35 4.30 -12.47 12.77
CA GLU A 35 3.64 -11.17 12.72
C GLU A 35 3.25 -10.80 11.32
N LYS A 36 2.28 -9.92 11.20
CA LYS A 36 1.88 -9.48 9.91
C LYS A 36 2.71 -8.28 9.52
N ALA A 37 3.00 -8.20 8.26
CA ALA A 37 3.76 -7.10 7.72
C ALA A 37 3.08 -5.80 8.05
N SER A 38 3.68 -4.72 7.59
CA SER A 38 3.07 -3.42 7.81
C SER A 38 3.52 -2.46 6.74
N LEU A 39 2.87 -1.32 6.68
CA LEU A 39 3.21 -0.34 5.68
C LEU A 39 4.68 0.01 5.85
N SER A 40 5.07 0.20 7.10
CA SER A 40 6.46 0.52 7.44
C SER A 40 7.40 -0.68 7.25
N LYS A 41 6.94 -1.90 7.56
CA LYS A 41 7.83 -3.07 7.44
C LYS A 41 8.15 -3.43 6.01
N LEU A 42 7.13 -3.55 5.19
CA LEU A 42 7.32 -3.96 3.84
C LEU A 42 8.18 -2.97 3.16
N VAL A 43 7.92 -1.74 3.51
CA VAL A 43 8.62 -0.69 2.90
C VAL A 43 9.97 -0.49 3.48
N SER A 44 10.18 -0.84 4.75
CA SER A 44 11.50 -0.73 5.24
C SER A 44 12.27 -1.75 4.42
N SER A 45 11.65 -2.94 4.44
CA SER A 45 12.00 -4.11 3.60
C SER A 45 12.08 -3.78 2.10
N GLY A 46 11.88 -2.50 1.76
CA GLY A 46 11.76 -1.97 0.40
C GLY A 46 11.19 -2.93 -0.66
N ASN A 47 10.46 -3.99 -0.27
CA ASN A 47 9.87 -4.88 -1.27
C ASN A 47 8.97 -3.99 -2.10
N ILE A 48 8.10 -3.34 -1.34
CA ILE A 48 7.22 -2.36 -1.89
C ILE A 48 7.95 -1.07 -1.69
N SER A 49 7.81 -0.11 -2.59
CA SER A 49 8.54 1.11 -2.43
C SER A 49 7.67 2.18 -1.83
N GLN A 50 8.32 3.20 -1.33
CA GLN A 50 7.64 4.30 -0.66
C GLN A 50 6.47 4.87 -1.49
N LYS A 51 6.39 4.53 -2.79
CA LYS A 51 5.27 4.99 -3.60
C LYS A 51 4.11 4.05 -3.35
N GLN A 52 4.49 2.80 -3.16
CA GLN A 52 3.58 1.73 -2.82
C GLN A 52 3.25 1.78 -1.33
N ALA A 53 4.14 2.40 -0.53
CA ALA A 53 3.82 2.57 0.88
C ALA A 53 2.99 3.83 1.02
N ASP A 54 3.42 4.88 0.34
CA ASP A 54 2.71 6.14 0.38
C ASP A 54 1.32 6.01 -0.22
N SER A 55 1.23 5.24 -1.28
CA SER A 55 -0.05 5.05 -1.90
C SER A 55 -0.97 4.28 -0.96
N TYR A 56 -0.46 3.27 -0.25
CA TYR A 56 -1.35 2.52 0.65
C TYR A 56 -1.70 3.37 1.85
N LYS A 57 -0.71 4.09 2.35
CA LYS A 57 -0.89 5.00 3.48
C LYS A 57 -1.95 6.04 3.11
N ALA A 58 -2.08 6.21 1.80
CA ALA A 58 -3.09 7.08 1.24
C ALA A 58 -4.48 6.49 1.52
N TYR A 59 -4.60 5.16 1.40
CA TYR A 59 -5.86 4.45 1.71
C TYR A 59 -6.23 4.59 3.19
N TYR A 60 -5.24 4.37 4.04
CA TYR A 60 -5.39 4.51 5.47
C TYR A 60 -5.75 5.95 5.74
N GLY A 61 -5.07 6.80 5.01
CA GLY A 61 -5.22 8.23 5.10
C GLY A 61 -6.69 8.64 4.94
N LYS A 62 -7.37 8.04 3.98
CA LYS A 62 -8.77 8.34 3.74
C LYS A 62 -9.64 8.09 4.98
N HIS A 63 -9.40 6.99 5.68
CA HIS A 63 -10.19 6.66 6.86
C HIS A 63 -9.32 6.42 8.10
N SER A 64 -9.36 7.37 9.02
CA SER A 64 -8.60 7.27 10.27
C SER A 64 -9.07 6.10 11.12
N GLY A 65 -10.39 5.99 11.24
CA GLY A 65 -11.01 4.94 12.04
C GLY A 65 -10.64 3.58 11.51
N GLU A 66 -10.55 3.47 10.19
CA GLU A 66 -10.23 2.20 9.55
C GLU A 66 -8.72 1.97 9.55
N THR A 67 -8.33 0.70 9.58
CA THR A 67 -6.90 0.36 9.58
C THR A 67 -6.58 -0.60 8.44
N GLN A 68 -5.69 -0.14 7.56
CA GLN A 68 -5.33 -0.87 6.35
C GLN A 68 -5.26 -2.39 6.49
N THR A 69 -5.45 -2.97 5.31
CA THR A 69 -5.49 -4.41 5.10
C THR A 69 -4.33 -5.13 5.78
N VAL A 70 -3.20 -4.44 5.98
CA VAL A 70 -2.06 -5.07 6.65
C VAL A 70 -1.78 -4.32 7.96
N ALA A 71 -1.15 -4.99 8.94
CA ALA A 71 -0.96 -4.36 10.25
C ALA A 71 -0.02 -3.14 10.23
N ASN A 72 -0.54 -2.00 9.78
CA ASN A 72 0.22 -0.75 9.75
C ASN A 72 1.07 -0.59 11.00
#